data_9EXK
#
_entry.id   9EXK
#
_cell.length_a   1.00
_cell.length_b   1.00
_cell.length_c   1.00
_cell.angle_alpha   90.00
_cell.angle_beta   90.00
_cell.angle_gamma   90.00
#
_symmetry.space_group_name_H-M   'P 1'
#
_entity_poly.entity_id   1
_entity_poly.type   'polypeptide(L)'
_entity_poly.pdbx_seq_one_letter_code
;MSGAVYFLLLDLRAEVDEEIAWARRLGLDDLVAALEAVRALIEGALATLESADFDYLEFTQRLADALSSLVRVYDDLIAR
LEEQPATTLRRAYRILLEYRRKEVRELLEAVQELRDVLETLERLSRRLGRPDFAGWLVSFVLDHYGELVAPDILTNPAKG
FRALAHLLRAFLYVLLALKLRSPDEELREEARRAVAFLYGEEFVKAHSDEELAELLLERAREAILEAARYNSALREEFDA
AGGPEGREAWLERQLLRLRGLVERFLELWENSELRAGPDGELVAVPGVKGLEIIKKLLEEGKGVNLALWTLGRLLRALDL
SPEARAAYEAALEALRRARLQLQYVQSERYEGSDRERAEAIRAAFETIRAAAETIRAVIEADTSLPAELKAAYIEVIYAY
LLQVAREVRDALWRLAEEILPEYIEKFFKGSEEEQRLTLYELLRALGEDYFFLDLEKEGYSEEELRELFRNAKLEVINAD
ESGKIKLYNLILDAKKLNRKVLIKITLTELSEGSYIITIEVFKSPDAEIPEYEIRVAAVGATSEEILKYLEELKEKAKEG
ELIRELLLLYVDRQIAELEEKVANADKIDPVVARLAIEEARARGEELTEADVIEGTRAGYQAALDVLRRIKAELEKEKSP
ENPFYQFYDKLTEKLKEKGFVSEEEAFEIARETFGFPADLPPLAAAALRDFASTVLTILEIFKTAEDFSKWYKENKEKLI
ELAGLSEEELDKIVRKTLTLLLEALARSVFGSKLGRELLNEALGTFIKELLESFFRTHYGLTRGDAVIDFDAKTGILSLR
FTPRAYARIRVKEYRDPSLGEKFDNLLDVLSSNPSLKGQVDRLRVSYAFGTPVGTTPALRDATAEDLETDPRLKRHRDFI
EEVENLYAELLIRLEEALKDEPETVEILTEIIGRHLKEVIHDPDVINALLDRRDLSPEEFAARARAVLDEIIAEEKKLQE
KLLEAVEDNPEAKKIVEEIFPKIIATIERYREWPERELAGLPLGGSHHHHHH
;
_entity_poly.pdbx_strand_id   A
#
# COMPACT_ATOMS: atom_id res chain seq x y z
N ALA A 4 2.83 1.93 9.79
CA ALA A 4 2.26 2.88 10.74
C ALA A 4 3.22 3.13 11.88
N VAL A 5 2.74 3.82 12.92
CA VAL A 5 3.53 4.13 14.10
C VAL A 5 3.13 3.18 15.22
N TYR A 6 1.89 2.68 15.15
CA TYR A 6 1.41 1.71 16.14
C TYR A 6 2.29 0.46 16.13
N PHE A 7 2.59 -0.07 14.95
CA PHE A 7 3.43 -1.26 14.87
C PHE A 7 4.87 -0.98 15.28
N LEU A 8 5.37 0.22 14.97
CA LEU A 8 6.72 0.58 15.42
C LEU A 8 6.80 0.60 16.93
N LEU A 9 5.81 1.19 17.60
CA LEU A 9 5.82 1.22 19.06
C LEU A 9 5.65 -0.18 19.65
N LEU A 10 4.83 -1.02 19.00
CA LEU A 10 4.70 -2.40 19.46
C LEU A 10 6.03 -3.14 19.37
N ASP A 11 6.76 -2.95 18.27
CA ASP A 11 8.06 -3.61 18.12
C ASP A 11 9.07 -3.11 19.15
N LEU A 12 9.07 -1.80 19.41
CA LEU A 12 9.95 -1.26 20.45
C LEU A 12 9.63 -1.86 21.82
N ARG A 13 8.34 -1.97 22.14
CA ARG A 13 7.95 -2.56 23.42
C ARG A 13 8.37 -4.02 23.51
N ALA A 14 8.24 -4.77 22.41
CA ALA A 14 8.68 -6.16 22.40
C ALA A 14 10.18 -6.26 22.63
N GLU A 15 10.96 -5.38 22.00
CA GLU A 15 12.40 -5.38 22.20
C GLU A 15 12.74 -5.08 23.67
N VAL A 16 12.03 -4.13 24.27
CA VAL A 16 12.27 -3.82 25.69
C VAL A 16 11.94 -5.02 26.57
N ASP A 17 10.86 -5.74 26.27
CA ASP A 17 10.53 -6.93 27.04
C ASP A 17 11.61 -7.99 26.93
N GLU A 18 12.12 -8.23 25.72
CA GLU A 18 13.20 -9.18 25.55
C GLU A 18 14.45 -8.75 26.33
N GLU A 19 14.74 -7.45 26.31
CA GLU A 19 15.88 -6.93 27.06
C GLU A 19 15.72 -7.19 28.55
N ILE A 20 14.50 -6.97 29.07
CA ILE A 20 14.24 -7.21 30.50
C ILE A 20 14.45 -8.68 30.84
N ALA A 21 13.93 -9.57 30.00
CA ALA A 21 14.09 -11.00 30.26
C ALA A 21 15.57 -11.39 30.28
N TRP A 22 16.34 -10.90 29.31
CA TRP A 22 17.76 -11.22 29.26
C TRP A 22 18.50 -10.65 30.47
N ALA A 23 18.11 -9.44 30.91
CA ALA A 23 18.73 -8.87 32.10
C ALA A 23 18.44 -9.70 33.34
N ARG A 24 17.20 -10.21 33.45
CA ARG A 24 16.88 -11.08 34.57
C ARG A 24 17.68 -12.38 34.52
N ARG A 25 17.92 -12.91 33.31
CA ARG A 25 18.62 -14.18 33.19
C ARG A 25 20.04 -14.10 33.73
N LEU A 26 20.77 -13.03 33.41
CA LEU A 26 22.19 -12.94 33.76
C LEU A 26 22.44 -12.51 35.20
N GLY A 27 21.40 -12.10 35.92
CA GLY A 27 21.55 -11.72 37.31
C GLY A 27 21.66 -10.23 37.58
N LEU A 28 21.45 -9.38 36.57
CA LEU A 28 21.51 -7.93 36.75
C LEU A 28 20.12 -7.44 37.15
N ASP A 29 19.88 -7.35 38.45
CA ASP A 29 18.60 -6.88 38.96
C ASP A 29 18.59 -5.39 39.28
N ASP A 30 19.69 -4.69 39.07
CA ASP A 30 19.77 -3.26 39.34
C ASP A 30 19.38 -2.40 38.14
N LEU A 31 19.21 -3.00 36.97
CA LEU A 31 18.85 -2.26 35.76
C LEU A 31 17.46 -2.60 35.24
N VAL A 32 16.81 -3.62 35.81
CA VAL A 32 15.43 -3.93 35.43
C VAL A 32 14.51 -2.77 35.76
N ALA A 33 14.84 -1.98 36.80
CA ALA A 33 14.03 -0.81 37.12
C ALA A 33 14.10 0.22 36.01
N ALA A 34 15.30 0.50 35.50
CA ALA A 34 15.44 1.45 34.40
C ALA A 34 14.76 0.93 33.14
N LEU A 35 14.89 -0.36 32.87
CA LEU A 35 14.24 -0.93 31.69
C LEU A 35 12.72 -0.87 31.80
N GLU A 36 12.19 -1.08 33.01
CA GLU A 36 10.75 -0.96 33.22
C GLU A 36 10.29 0.48 33.07
N ALA A 37 11.12 1.44 33.49
CA ALA A 37 10.79 2.85 33.25
C ALA A 37 10.72 3.15 31.76
N VAL A 38 11.67 2.59 30.99
CA VAL A 38 11.63 2.78 29.53
C VAL A 38 10.35 2.19 28.95
N ARG A 39 9.98 0.99 29.42
CA ARG A 39 8.73 0.38 28.96
C ARG A 39 7.53 1.25 29.30
N ALA A 40 7.53 1.87 30.49
CA ALA A 40 6.45 2.76 30.88
C ALA A 40 6.37 3.97 29.95
N LEU A 41 7.53 4.51 29.56
CA LEU A 41 7.53 5.63 28.61
C LEU A 41 6.94 5.21 27.27
N ILE A 42 7.31 4.02 26.80
CA ILE A 42 6.77 3.55 25.51
C ILE A 42 5.26 3.34 25.60
N GLU A 43 4.78 2.79 26.72
CA GLU A 43 3.34 2.63 26.91
C GLU A 43 2.64 3.99 26.96
N GLY A 44 3.27 4.99 27.56
CA GLY A 44 2.70 6.33 27.54
C GLY A 44 2.57 6.90 26.15
N ALA A 45 3.59 6.68 25.31
CA ALA A 45 3.47 7.10 23.91
C ALA A 45 2.33 6.37 23.20
N LEU A 46 2.22 5.06 23.42
CA LEU A 46 1.13 4.30 22.81
C LEU A 46 -0.21 4.84 23.25
N ALA A 47 -0.32 5.26 24.52
CA ALA A 47 -1.57 5.83 25.01
C ALA A 47 -1.84 7.21 24.40
N THR A 48 -0.80 8.01 24.17
CA THR A 48 -1.02 9.34 23.62
C THR A 48 -1.33 9.31 22.13
N LEU A 49 -1.06 8.20 21.43
CA LEU A 49 -1.63 8.06 20.09
C LEU A 49 -3.15 8.05 20.11
N GLU A 50 -3.74 7.35 21.08
CA GLU A 50 -5.17 7.09 21.11
C GLU A 50 -5.97 8.12 21.89
N SER A 51 -5.40 9.29 22.14
CA SER A 51 -6.06 10.28 22.98
C SER A 51 -6.89 11.25 22.13
N ALA A 52 -7.70 12.05 22.81
CA ALA A 52 -8.55 13.04 22.16
C ALA A 52 -7.84 14.37 21.92
N ASP A 53 -6.61 14.53 22.40
CA ASP A 53 -5.82 15.73 22.22
C ASP A 53 -4.45 15.39 21.63
N PHE A 54 -4.45 14.57 20.59
CA PHE A 54 -3.20 14.18 19.94
C PHE A 54 -2.54 15.37 19.26
N ASP A 55 -1.27 15.59 19.55
CA ASP A 55 -0.50 16.67 18.94
C ASP A 55 0.77 16.09 18.33
N TYR A 56 1.15 16.60 17.16
CA TYR A 56 2.29 16.04 16.44
C TYR A 56 3.59 16.34 17.15
N LEU A 57 3.80 17.60 17.54
CA LEU A 57 5.05 17.99 18.20
C LEU A 57 5.22 17.28 19.53
N GLU A 58 4.15 17.21 20.33
CA GLU A 58 4.22 16.53 21.62
C GLU A 58 4.53 15.05 21.44
N PHE A 59 3.90 14.41 20.47
CA PHE A 59 4.16 12.99 20.25
C PHE A 59 5.60 12.75 19.81
N THR A 60 6.12 13.57 18.92
CA THR A 60 7.51 13.41 18.50
C THR A 60 8.46 13.65 19.66
N GLN A 61 8.16 14.63 20.52
CA GLN A 61 8.98 14.85 21.71
C GLN A 61 8.98 13.63 22.62
N ARG A 62 7.80 13.04 22.84
CA ARG A 62 7.72 11.85 23.70
C ARG A 62 8.51 10.68 23.10
N LEU A 63 8.39 10.48 21.78
CA LEU A 63 9.13 9.40 21.13
C LEU A 63 10.63 9.62 21.25
N ALA A 64 11.10 10.86 21.05
CA ALA A 64 12.51 11.14 21.20
C ALA A 64 13.00 10.90 22.62
N ASP A 65 12.20 11.29 23.61
CA ASP A 65 12.58 11.05 25.00
C ASP A 65 12.68 9.55 25.30
N ALA A 66 11.72 8.77 24.81
CA ALA A 66 11.77 7.32 25.03
C ALA A 66 13.02 6.71 24.40
N LEU A 67 13.34 7.11 23.17
CA LEU A 67 14.53 6.57 22.51
C LEU A 67 15.81 6.97 23.24
N SER A 68 15.88 8.22 23.72
CA SER A 68 17.05 8.64 24.47
C SER A 68 17.21 7.84 25.76
N SER A 69 16.11 7.59 26.47
CA SER A 69 16.17 6.78 27.68
C SER A 69 16.66 5.37 27.37
N LEU A 70 16.17 4.78 26.28
CA LEU A 70 16.61 3.45 25.90
C LEU A 70 18.10 3.43 25.59
N VAL A 71 18.60 4.46 24.89
CA VAL A 71 20.03 4.52 24.59
C VAL A 71 20.85 4.61 25.87
N ARG A 72 20.39 5.43 26.83
CA ARG A 72 21.12 5.54 28.10
C ARG A 72 21.14 4.21 28.85
N VAL A 73 20.01 3.48 28.83
CA VAL A 73 19.97 2.19 29.52
C VAL A 73 20.91 1.19 28.84
N TYR A 74 20.98 1.21 27.51
CA TYR A 74 21.95 0.36 26.82
C TYR A 74 23.38 0.71 27.20
N ASP A 75 23.68 2.00 27.31
CA ASP A 75 25.02 2.42 27.75
C ASP A 75 25.33 1.87 29.13
N ASP A 76 24.38 1.97 30.06
CA ASP A 76 24.60 1.47 31.41
C ASP A 76 24.81 -0.05 31.42
N LEU A 77 23.98 -0.78 30.65
CA LEU A 77 24.13 -2.23 30.59
C LEU A 77 25.49 -2.62 30.04
N ILE A 78 25.93 -1.98 28.96
CA ILE A 78 27.23 -2.31 28.40
C ILE A 78 28.35 -2.01 29.40
N ALA A 79 28.28 -0.84 30.05
CA ALA A 79 29.32 -0.47 31.01
C ALA A 79 29.39 -1.49 32.14
N ARG A 80 28.23 -1.93 32.64
CA ARG A 80 28.21 -2.98 33.65
C ARG A 80 28.82 -4.28 33.11
N LEU A 81 28.62 -4.55 31.82
CA LEU A 81 29.12 -5.81 31.26
C LEU A 81 30.64 -5.81 31.15
N GLU A 82 31.25 -4.72 30.65
CA GLU A 82 32.72 -4.75 30.65
C GLU A 82 33.33 -4.56 32.03
N GLU A 83 32.85 -3.59 32.81
CA GLU A 83 33.60 -3.15 33.98
C GLU A 83 33.69 -4.25 35.03
N GLN A 84 32.61 -5.01 35.20
CA GLN A 84 32.64 -6.15 36.09
C GLN A 84 33.17 -7.39 35.36
N PRO A 85 33.65 -8.38 36.10
CA PRO A 85 34.06 -9.64 35.46
C PRO A 85 32.91 -10.29 34.71
N ALA A 86 33.23 -10.96 33.61
CA ALA A 86 32.23 -11.54 32.73
C ALA A 86 32.72 -12.85 32.16
N THR A 87 31.80 -13.57 31.51
CA THR A 87 32.06 -14.83 30.84
C THR A 87 31.74 -14.70 29.35
N THR A 88 31.78 -15.82 28.63
CA THR A 88 31.56 -15.80 27.19
C THR A 88 30.16 -15.31 26.84
N LEU A 89 29.15 -15.78 27.58
CA LEU A 89 27.78 -15.37 27.31
C LEU A 89 27.60 -13.87 27.49
N ARG A 90 28.20 -13.32 28.55
CA ARG A 90 28.07 -11.88 28.80
C ARG A 90 28.70 -11.07 27.69
N ARG A 91 29.85 -11.49 27.17
CA ARG A 91 30.52 -10.73 26.12
C ARG A 91 29.81 -10.85 24.78
N ALA A 92 29.26 -12.04 24.48
CA ALA A 92 28.43 -12.16 23.27
C ALA A 92 27.21 -11.25 23.35
N TYR A 93 26.55 -11.23 24.51
CA TYR A 93 25.43 -10.32 24.69
C TYR A 93 25.88 -8.86 24.62
N ARG A 94 27.09 -8.58 25.08
CA ARG A 94 27.69 -7.25 24.94
C ARG A 94 27.74 -6.82 23.47
N ILE A 95 28.28 -7.68 22.60
CA ILE A 95 28.38 -7.32 21.19
C ILE A 95 26.99 -7.09 20.59
N LEU A 96 26.05 -7.98 20.92
CA LEU A 96 24.69 -7.82 20.42
C LEU A 96 24.08 -6.49 20.90
N LEU A 97 24.33 -6.14 22.16
CA LEU A 97 23.84 -4.88 22.70
C LEU A 97 24.42 -3.69 21.96
N GLU A 98 25.71 -3.77 21.60
CA GLU A 98 26.32 -2.68 20.84
C GLU A 98 25.61 -2.48 19.50
N TYR A 99 25.32 -3.58 18.79
CA TYR A 99 24.60 -3.46 17.52
C TYR A 99 23.22 -2.82 17.72
N ARG A 100 22.49 -3.30 18.73
CA ARG A 100 21.15 -2.76 18.97
C ARG A 100 21.20 -1.28 19.31
N ARG A 101 22.18 -0.86 20.11
CA ARG A 101 22.31 0.54 20.48
C ARG A 101 22.62 1.40 19.26
N LYS A 102 23.45 0.90 18.35
CA LYS A 102 23.71 1.64 17.11
C LYS A 102 22.41 1.88 16.33
N GLU A 103 21.60 0.82 16.18
CA GLU A 103 20.34 0.98 15.45
C GLU A 103 19.43 2.00 16.13
N VAL A 104 19.29 1.90 17.45
CA VAL A 104 18.39 2.81 18.17
C VAL A 104 18.88 4.24 18.06
N ARG A 105 20.20 4.45 18.09
CA ARG A 105 20.74 5.80 17.97
C ARG A 105 20.44 6.40 16.60
N GLU A 106 20.55 5.60 15.53
CA GLU A 106 20.18 6.13 14.22
C GLU A 106 18.72 6.53 14.16
N LEU A 107 17.83 5.69 14.70
CA LEU A 107 16.40 6.03 14.71
C LEU A 107 16.16 7.30 15.51
N LEU A 108 16.85 7.46 16.64
CA LEU A 108 16.70 8.66 17.45
C LEU A 108 17.13 9.91 16.70
N GLU A 109 18.23 9.81 15.93
CA GLU A 109 18.66 10.96 15.14
C GLU A 109 17.61 11.36 14.12
N ALA A 110 17.01 10.38 13.44
CA ALA A 110 15.95 10.70 12.49
C ALA A 110 14.77 11.39 13.17
N VAL A 111 14.34 10.87 14.31
CA VAL A 111 13.21 11.46 15.03
C VAL A 111 13.54 12.88 15.47
N GLN A 112 14.78 13.12 15.90
CA GLN A 112 15.17 14.46 16.32
C GLN A 112 15.14 15.43 15.14
N GLU A 113 15.54 14.97 13.96
CA GLU A 113 15.43 15.82 12.77
C GLU A 113 13.98 16.22 12.51
N LEU A 114 13.07 15.24 12.56
CA LEU A 114 11.65 15.57 12.35
C LEU A 114 11.15 16.53 13.41
N ARG A 115 11.56 16.33 14.66
CA ARG A 115 11.14 17.22 15.74
C ARG A 115 11.64 18.64 15.51
N ASP A 116 12.87 18.78 15.02
CA ASP A 116 13.40 20.12 14.72
C ASP A 116 12.57 20.81 13.65
N VAL A 117 12.19 20.07 12.60
CA VAL A 117 11.36 20.67 11.55
C VAL A 117 10.01 21.12 12.12
N LEU A 118 9.38 20.26 12.91
CA LEU A 118 8.09 20.63 13.49
C LEU A 118 8.21 21.82 14.42
N GLU A 119 9.30 21.89 15.19
CA GLU A 119 9.52 23.04 16.07
C GLU A 119 9.69 24.33 15.28
N THR A 120 10.41 24.26 14.15
CA THR A 120 10.56 25.43 13.29
C THR A 120 9.20 25.91 12.77
N LEU A 121 8.37 24.97 12.31
CA LEU A 121 7.03 25.35 11.86
C LEU A 121 6.22 25.95 13.00
N GLU A 122 6.33 25.38 14.20
CA GLU A 122 5.56 25.88 15.35
C GLU A 122 5.96 27.31 15.69
N ARG A 123 7.27 27.58 15.73
CA ARG A 123 7.73 28.93 16.04
C ARG A 123 7.30 29.91 14.95
N LEU A 124 7.41 29.51 13.68
CA LEU A 124 7.01 30.39 12.59
C LEU A 124 5.51 30.71 12.68
N SER A 125 4.69 29.71 13.00
CA SER A 125 3.26 29.96 13.15
C SER A 125 2.98 30.87 14.35
N ARG A 126 3.70 30.66 15.45
CA ARG A 126 3.45 31.46 16.65
C ARG A 126 3.81 32.92 16.44
N ARG A 127 4.91 33.19 15.71
CA ARG A 127 5.32 34.58 15.49
C ARG A 127 4.28 35.34 14.67
N LEU A 128 3.70 34.69 13.65
CA LEU A 128 2.75 35.36 12.78
C LEU A 128 1.46 35.75 13.48
N GLY A 129 1.20 35.24 14.68
CA GLY A 129 -0.02 35.54 15.39
C GLY A 129 -1.23 34.76 14.93
N ARG A 130 -1.04 33.72 14.12
CA ARG A 130 -2.13 32.90 13.58
C ARG A 130 -1.83 31.45 13.94
N PRO A 131 -2.07 31.04 15.19
CA PRO A 131 -1.75 29.66 15.57
C PRO A 131 -2.61 28.63 14.85
N ASP A 132 -2.33 27.35 15.10
CA ASP A 132 -2.94 26.19 14.44
C ASP A 132 -2.53 26.06 12.98
N PHE A 133 -1.68 26.98 12.47
CA PHE A 133 -1.21 26.89 11.10
C PHE A 133 -0.37 25.62 10.90
N ALA A 134 0.49 25.31 11.85
CA ALA A 134 1.33 24.11 11.75
C ALA A 134 0.49 22.86 11.71
N GLY A 135 -0.56 22.78 12.55
CA GLY A 135 -1.39 21.59 12.58
C GLY A 135 -2.09 21.32 11.26
N TRP A 136 -2.70 22.36 10.69
CA TRP A 136 -3.37 22.20 9.40
C TRP A 136 -2.38 21.84 8.30
N LEU A 137 -1.22 22.50 8.28
CA LEU A 137 -0.22 22.20 7.26
C LEU A 137 0.23 20.75 7.34
N VAL A 138 0.52 20.27 8.55
CA VAL A 138 1.02 18.92 8.72
C VAL A 138 -0.06 17.90 8.40
N SER A 139 -1.31 18.18 8.78
CA SER A 139 -2.40 17.27 8.44
C SER A 139 -2.59 17.18 6.93
N PHE A 140 -2.53 18.30 6.22
CA PHE A 140 -2.67 18.28 4.77
C PHE A 140 -1.55 17.49 4.11
N VAL A 141 -0.31 17.74 4.54
CA VAL A 141 0.83 17.04 3.97
C VAL A 141 0.74 15.54 4.25
N LEU A 142 0.32 15.18 5.47
CA LEU A 142 0.15 13.76 5.80
C LEU A 142 -0.92 13.12 4.93
N ASP A 143 -2.04 13.82 4.71
CA ASP A 143 -3.09 13.28 3.86
C ASP A 143 -2.58 13.01 2.46
N HIS A 144 -1.78 13.92 1.91
CA HIS A 144 -1.35 13.78 0.53
C HIS A 144 -0.04 13.02 0.36
N TYR A 145 0.62 12.60 1.43
CA TYR A 145 1.87 11.84 1.30
C TYR A 145 1.96 10.62 2.22
N GLY A 146 0.86 10.22 2.86
CA GLY A 146 0.91 8.99 3.65
C GLY A 146 1.18 7.76 2.80
N GLU A 147 0.54 7.66 1.64
CA GLU A 147 0.75 6.52 0.77
C GLU A 147 2.18 6.43 0.26
N LEU A 148 2.93 7.53 0.31
CA LEU A 148 4.35 7.51 -0.05
C LEU A 148 5.25 7.22 1.14
N VAL A 149 4.91 7.73 2.31
CA VAL A 149 5.82 7.65 3.45
C VAL A 149 5.64 6.35 4.24
N ALA A 150 4.41 5.85 4.36
CA ALA A 150 4.13 4.73 5.26
C ALA A 150 4.95 3.47 4.99
N PRO A 151 5.14 3.01 3.75
CA PRO A 151 5.94 1.77 3.57
C PRO A 151 7.34 1.86 4.14
N ASP A 152 8.00 3.02 4.00
CA ASP A 152 9.33 3.17 4.57
C ASP A 152 9.29 3.05 6.09
N ILE A 153 8.30 3.69 6.73
CA ILE A 153 8.17 3.59 8.18
C ILE A 153 7.93 2.14 8.59
N LEU A 154 7.19 1.39 7.77
CA LEU A 154 7.01 -0.03 8.03
C LEU A 154 8.34 -0.78 7.96
N THR A 155 9.16 -0.46 6.96
CA THR A 155 10.42 -1.20 6.78
C THR A 155 11.60 -0.52 7.48
N ASN A 156 11.90 0.73 7.11
CA ASN A 156 13.05 1.46 7.64
C ASN A 156 12.59 2.82 8.12
N PRO A 157 12.28 2.97 9.42
CA PRO A 157 11.62 4.21 9.88
C PRO A 157 12.42 5.48 9.65
N ALA A 158 13.75 5.42 9.74
CA ALA A 158 14.56 6.63 9.63
C ALA A 158 14.38 7.32 8.28
N LYS A 159 14.36 6.53 7.20
CA LYS A 159 14.16 7.09 5.87
C LYS A 159 12.80 7.76 5.77
N GLY A 160 11.76 7.14 6.33
CA GLY A 160 10.44 7.75 6.30
C GLY A 160 10.38 9.08 7.05
N PHE A 161 11.00 9.13 8.24
CA PHE A 161 10.99 10.36 9.01
C PHE A 161 11.74 11.48 8.29
N ARG A 162 12.91 11.17 7.72
CA ARG A 162 13.67 12.18 6.99
C ARG A 162 12.93 12.65 5.73
N ALA A 163 12.30 11.73 5.01
CA ALA A 163 11.52 12.11 3.84
C ALA A 163 10.36 13.02 4.22
N LEU A 164 9.67 12.71 5.32
CA LEU A 164 8.58 13.56 5.76
C LEU A 164 9.07 14.95 6.12
N ALA A 165 10.21 15.05 6.81
CA ALA A 165 10.74 16.36 7.17
C ALA A 165 11.07 17.18 5.93
N HIS A 166 11.72 16.56 4.94
CA HIS A 166 12.10 17.30 3.73
C HIS A 166 10.86 17.72 2.95
N LEU A 167 9.84 16.87 2.87
CA LEU A 167 8.61 17.25 2.18
C LEU A 167 7.91 18.41 2.88
N LEU A 168 7.90 18.42 4.21
CA LEU A 168 7.32 19.55 4.93
C LEU A 168 8.06 20.84 4.62
N ARG A 169 9.40 20.78 4.60
CA ARG A 169 10.18 21.98 4.26
C ARG A 169 9.85 22.47 2.86
N ALA A 170 9.76 21.56 1.89
CA ALA A 170 9.43 21.95 0.52
C ALA A 170 8.05 22.60 0.44
N PHE A 171 7.08 22.02 1.15
CA PHE A 171 5.73 22.57 1.15
C PHE A 171 5.72 23.99 1.72
N LEU A 172 6.43 24.21 2.82
CA LEU A 172 6.49 25.56 3.40
C LEU A 172 7.14 26.55 2.44
N TYR A 173 8.23 26.15 1.78
CA TYR A 173 8.92 27.07 0.88
C TYR A 173 8.05 27.44 -0.31
N VAL A 174 7.35 26.45 -0.89
CA VAL A 174 6.46 26.75 -2.02
C VAL A 174 5.32 27.65 -1.57
N LEU A 175 4.79 27.41 -0.37
CA LEU A 175 3.71 28.26 0.14
C LEU A 175 4.17 29.71 0.28
N LEU A 176 5.35 29.93 0.84
CA LEU A 176 5.86 31.30 0.95
C LEU A 176 6.10 31.93 -0.41
N ALA A 177 6.65 31.15 -1.35
CA ALA A 177 6.89 31.69 -2.69
C ALA A 177 5.59 32.11 -3.37
N LEU A 178 4.54 31.30 -3.22
CA LEU A 178 3.25 31.68 -3.79
C LEU A 178 2.66 32.90 -3.09
N LYS A 179 2.84 33.00 -1.77
CA LYS A 179 2.30 34.14 -1.04
C LYS A 179 3.00 35.44 -1.39
N LEU A 180 4.28 35.39 -1.77
CA LEU A 180 4.99 36.61 -2.14
C LEU A 180 4.37 37.28 -3.36
N ARG A 181 3.99 36.50 -4.37
CA ARG A 181 3.52 37.02 -5.65
C ARG A 181 2.02 37.28 -5.67
N SER A 182 1.32 37.10 -4.55
CA SER A 182 -0.10 37.40 -4.51
C SER A 182 -0.33 38.89 -4.62
N PRO A 183 -1.35 39.33 -5.37
CA PRO A 183 -1.58 40.77 -5.51
C PRO A 183 -1.98 41.47 -4.21
N ASP A 184 -2.49 40.74 -3.23
CA ASP A 184 -2.92 41.37 -1.98
C ASP A 184 -1.73 41.90 -1.20
N GLU A 185 -1.90 43.08 -0.61
CA GLU A 185 -0.81 43.71 0.13
C GLU A 185 -0.58 43.04 1.48
N GLU A 186 -1.66 42.68 2.18
CA GLU A 186 -1.52 42.05 3.49
C GLU A 186 -0.80 40.71 3.38
N LEU A 187 -1.14 39.91 2.36
CA LEU A 187 -0.46 38.63 2.17
C LEU A 187 1.02 38.84 1.89
N ARG A 188 1.35 39.84 1.07
CA ARG A 188 2.75 40.14 0.79
C ARG A 188 3.49 40.55 2.05
N GLU A 189 2.85 41.37 2.89
CA GLU A 189 3.49 41.78 4.15
C GLU A 189 3.71 40.59 5.07
N GLU A 190 2.73 39.70 5.18
CA GLU A 190 2.87 38.54 6.04
C GLU A 190 3.98 37.62 5.54
N ALA A 191 4.04 37.40 4.22
CA ALA A 191 5.10 36.57 3.66
C ALA A 191 6.47 37.22 3.85
N ARG A 192 6.54 38.56 3.73
CA ARG A 192 7.78 39.26 3.99
C ARG A 192 8.23 39.10 5.43
N ARG A 193 7.28 39.17 6.38
CA ARG A 193 7.62 38.95 7.77
C ARG A 193 8.14 37.53 8.00
N ALA A 194 7.50 36.54 7.37
CA ALA A 194 7.97 35.16 7.52
C ALA A 194 9.37 34.99 6.95
N VAL A 195 9.64 35.56 5.78
CA VAL A 195 10.97 35.45 5.18
C VAL A 195 12.00 36.17 6.04
N ALA A 196 11.65 37.32 6.61
CA ALA A 196 12.56 38.03 7.48
C ALA A 196 12.88 37.22 8.73
N PHE A 197 11.87 36.54 9.29
CA PHE A 197 12.13 35.65 10.42
C PHE A 197 13.05 34.51 10.03
N LEU A 198 12.85 33.94 8.84
CA LEU A 198 13.65 32.79 8.44
C LEU A 198 15.11 33.17 8.16
N TYR A 199 15.33 34.30 7.48
CA TYR A 199 16.66 34.63 6.97
C TYR A 199 17.25 35.92 7.51
N GLY A 200 16.48 36.76 8.19
CA GLY A 200 17.02 37.98 8.74
C GLY A 200 16.53 39.22 8.00
N GLU A 201 16.60 40.36 8.69
CA GLU A 201 16.12 41.61 8.12
C GLU A 201 16.96 42.05 6.93
N GLU A 202 18.29 41.86 7.01
CA GLU A 202 19.17 42.33 5.96
C GLU A 202 18.91 41.62 4.64
N PHE A 203 18.64 40.31 4.70
CA PHE A 203 18.43 39.54 3.47
C PHE A 203 17.16 39.98 2.76
N VAL A 204 16.10 40.27 3.51
CA VAL A 204 14.83 40.65 2.90
C VAL A 204 14.79 42.13 2.53
N LYS A 205 15.62 42.96 3.17
CA LYS A 205 15.60 44.40 2.89
C LYS A 205 16.43 44.78 1.66
N ALA A 206 17.09 43.83 1.01
CA ALA A 206 17.94 44.13 -0.13
C ALA A 206 17.55 43.34 -1.38
N HIS A 207 16.38 42.72 -1.39
CA HIS A 207 15.93 41.92 -2.51
C HIS A 207 14.51 42.29 -2.90
N SER A 208 14.22 42.17 -4.19
CA SER A 208 12.89 42.40 -4.71
C SER A 208 12.01 41.16 -4.53
N ASP A 209 10.71 41.33 -4.76
CA ASP A 209 9.76 40.25 -4.51
C ASP A 209 10.00 39.07 -5.45
N GLU A 210 10.25 39.34 -6.74
CA GLU A 210 10.45 38.25 -7.68
C GLU A 210 11.72 37.47 -7.36
N GLU A 211 12.78 38.19 -6.95
CA GLU A 211 14.02 37.51 -6.56
C GLU A 211 13.79 36.62 -5.34
N LEU A 212 13.04 37.12 -4.34
CA LEU A 212 12.74 36.29 -3.17
C LEU A 212 11.92 35.06 -3.56
N ALA A 213 10.93 35.23 -4.44
CA ALA A 213 10.13 34.11 -4.88
C ALA A 213 10.99 33.07 -5.60
N GLU A 214 11.90 33.51 -6.46
CA GLU A 214 12.75 32.58 -7.17
C GLU A 214 13.72 31.86 -6.22
N LEU A 215 14.26 32.58 -5.24
CA LEU A 215 15.13 31.94 -4.26
C LEU A 215 14.38 30.88 -3.47
N LEU A 216 13.16 31.20 -3.03
CA LEU A 216 12.37 30.22 -2.28
C LEU A 216 12.00 29.03 -3.14
N LEU A 217 11.72 29.25 -4.43
CA LEU A 217 11.43 28.14 -5.31
C LEU A 217 12.65 27.26 -5.52
N GLU A 218 13.84 27.86 -5.59
CA GLU A 218 15.07 27.06 -5.66
C GLU A 218 15.27 26.24 -4.40
N ARG A 219 14.99 26.83 -3.24
CA ARG A 219 15.05 26.08 -1.99
C ARG A 219 14.06 24.92 -1.99
N ALA A 220 12.87 25.15 -2.56
CA ALA A 220 11.89 24.07 -2.70
C ALA A 220 12.42 22.96 -3.60
N ARG A 221 13.11 23.32 -4.69
CA ARG A 221 13.69 22.31 -5.56
C ARG A 221 14.73 21.48 -4.81
N GLU A 222 15.58 22.14 -4.02
CA GLU A 222 16.58 21.41 -3.23
C GLU A 222 15.92 20.47 -2.22
N ALA A 223 14.86 20.94 -1.55
CA ALA A 223 14.17 20.10 -0.58
C ALA A 223 13.52 18.89 -1.25
N ILE A 224 12.92 19.10 -2.43
CA ILE A 224 12.32 17.99 -3.16
C ILE A 224 13.39 16.99 -3.57
N LEU A 225 14.56 17.47 -3.99
CA LEU A 225 15.64 16.56 -4.35
C LEU A 225 16.10 15.73 -3.15
N GLU A 226 16.21 16.37 -1.98
CA GLU A 226 16.60 15.62 -0.78
C GLU A 226 15.55 14.57 -0.43
N ALA A 227 14.27 14.92 -0.52
CA ALA A 227 13.21 13.96 -0.25
C ALA A 227 13.26 12.79 -1.22
N ALA A 228 13.53 13.06 -2.49
CA ALA A 228 13.68 11.99 -3.47
C ALA A 228 14.87 11.10 -3.13
N ARG A 229 15.96 11.71 -2.63
CA ARG A 229 17.11 10.92 -2.22
C ARG A 229 16.77 9.97 -1.07
N TYR A 230 16.02 10.44 -0.08
CA TYR A 230 15.78 9.64 1.12
C TYR A 230 14.50 8.80 1.07
N ASN A 231 13.77 8.79 -0.05
CA ASN A 231 12.53 8.04 -0.16
C ASN A 231 12.67 6.99 -1.25
N SER A 232 12.25 5.76 -0.96
CA SER A 232 12.48 4.65 -1.88
C SER A 232 11.69 4.81 -3.18
N ALA A 233 10.39 5.07 -3.07
CA ALA A 233 9.56 5.17 -4.26
C ALA A 233 9.97 6.35 -5.13
N LEU A 234 10.23 7.51 -4.50
CA LEU A 234 10.66 8.67 -5.25
C LEU A 234 12.03 8.45 -5.88
N ARG A 235 12.93 7.75 -5.18
CA ARG A 235 14.24 7.45 -5.75
C ARG A 235 14.11 6.54 -6.97
N GLU A 236 13.25 5.52 -6.88
CA GLU A 236 13.03 4.63 -8.02
C GLU A 236 12.46 5.39 -9.21
N GLU A 237 11.48 6.26 -8.95
CA GLU A 237 10.90 7.06 -10.03
C GLU A 237 11.94 8.01 -10.62
N PHE A 238 12.80 8.58 -9.78
CA PHE A 238 13.85 9.47 -10.24
C PHE A 238 14.85 8.74 -11.13
N ASP A 239 15.26 7.54 -10.74
CA ASP A 239 16.21 6.77 -11.53
C ASP A 239 15.58 6.17 -12.78
N ALA A 240 14.26 5.99 -12.81
CA ALA A 240 13.61 5.43 -13.98
C ALA A 240 13.58 6.42 -15.15
N ALA A 241 13.84 7.70 -14.90
CA ALA A 241 13.77 8.68 -15.98
C ALA A 241 15.03 8.63 -16.85
N GLY A 242 16.18 8.92 -16.26
CA GLY A 242 17.44 8.88 -16.98
C GLY A 242 17.68 10.13 -17.81
N GLY A 243 18.90 10.65 -17.75
CA GLY A 243 19.26 11.83 -18.50
C GLY A 243 18.93 13.11 -17.76
N PRO A 244 19.80 14.11 -17.86
CA PRO A 244 19.52 15.40 -17.21
C PRO A 244 18.23 16.04 -17.68
N GLU A 245 17.88 15.91 -18.96
CA GLU A 245 16.62 16.46 -19.46
C GLU A 245 15.43 15.79 -18.80
N GLY A 246 15.47 14.46 -18.69
CA GLY A 246 14.40 13.75 -18.00
C GLY A 246 14.33 14.12 -16.53
N ARG A 247 15.48 14.31 -15.89
CA ARG A 247 15.49 14.71 -14.48
C ARG A 247 14.87 16.08 -14.31
N GLU A 248 15.20 17.02 -15.21
CA GLU A 248 14.61 18.36 -15.13
C GLU A 248 13.10 18.32 -15.38
N ALA A 249 12.66 17.49 -16.33
CA ALA A 249 11.22 17.33 -16.55
C ALA A 249 10.53 16.77 -15.31
N TRP A 250 11.16 15.79 -14.66
CA TRP A 250 10.59 15.23 -13.44
C TRP A 250 10.48 16.27 -12.33
N LEU A 251 11.53 17.08 -12.16
CA LEU A 251 11.48 18.15 -11.17
C LEU A 251 10.38 19.15 -11.49
N GLU A 252 10.23 19.51 -12.76
CA GLU A 252 9.19 20.47 -13.12
C GLU A 252 7.79 19.91 -12.84
N ARG A 253 7.57 18.63 -13.16
CA ARG A 253 6.28 18.03 -12.85
C ARG A 253 6.02 17.99 -11.35
N GLN A 254 7.06 17.67 -10.55
CA GLN A 254 6.90 17.67 -9.11
C GLN A 254 6.56 19.05 -8.58
N LEU A 255 7.24 20.09 -9.10
CA LEU A 255 6.92 21.45 -8.69
C LEU A 255 5.50 21.84 -9.07
N LEU A 256 5.05 21.45 -10.26
CA LEU A 256 3.68 21.78 -10.66
C LEU A 256 2.66 21.12 -9.74
N ARG A 257 2.86 19.84 -9.42
CA ARG A 257 1.95 19.15 -8.52
C ARG A 257 1.95 19.79 -7.13
N LEU A 258 3.14 20.11 -6.62
CA LEU A 258 3.23 20.73 -5.30
C LEU A 258 2.57 22.10 -5.29
N ARG A 259 2.73 22.86 -6.37
CA ARG A 259 2.10 24.17 -6.47
C ARG A 259 0.58 24.05 -6.48
N GLY A 260 0.05 23.06 -7.20
CA GLY A 260 -1.38 22.83 -7.17
C GLY A 260 -1.89 22.47 -5.78
N LEU A 261 -1.16 21.60 -5.08
CA LEU A 261 -1.54 21.26 -3.72
C LEU A 261 -1.50 22.47 -2.80
N VAL A 262 -0.49 23.33 -2.97
CA VAL A 262 -0.37 24.52 -2.13
C VAL A 262 -1.50 25.51 -2.42
N GLU A 263 -1.89 25.63 -3.68
CA GLU A 263 -3.04 26.48 -4.01
C GLU A 263 -4.32 25.95 -3.36
N ARG A 264 -4.52 24.63 -3.40
CA ARG A 264 -5.68 24.05 -2.73
C ARG A 264 -5.65 24.30 -1.23
N PHE A 265 -4.47 24.16 -0.61
CA PHE A 265 -4.35 24.42 0.82
C PHE A 265 -4.64 25.88 1.14
N LEU A 266 -4.18 26.80 0.29
CA LEU A 266 -4.47 28.21 0.51
C LEU A 266 -5.96 28.49 0.39
N GLU A 267 -6.63 27.84 -0.57
CA GLU A 267 -8.07 27.98 -0.68
C GLU A 267 -8.78 27.49 0.57
N LEU A 268 -8.32 26.36 1.12
CA LEU A 268 -8.90 25.84 2.36
C LEU A 268 -8.64 26.79 3.53
N TRP A 269 -7.43 27.33 3.62
CA TRP A 269 -7.01 28.10 4.79
C TRP A 269 -7.61 29.50 4.82
N GLU A 270 -7.75 30.14 3.66
CA GLU A 270 -8.23 31.51 3.62
C GLU A 270 -9.68 31.65 4.03
N ASN A 271 -10.42 30.55 4.17
CA ASN A 271 -11.81 30.60 4.61
C ASN A 271 -11.95 30.50 6.12
N SER A 272 -11.02 29.85 6.81
CA SER A 272 -11.14 29.66 8.24
C SER A 272 -11.08 30.98 8.98
N GLU A 273 -11.87 31.08 10.06
CA GLU A 273 -11.97 32.29 10.86
C GLU A 273 -11.76 31.96 12.33
N LEU A 274 -11.44 33.00 13.10
CA LEU A 274 -11.22 32.88 14.53
C LEU A 274 -12.55 32.90 15.27
N ARG A 275 -12.74 31.96 16.19
CA ARG A 275 -13.86 31.96 17.11
C ARG A 275 -13.33 31.79 18.52
N ALA A 276 -13.88 32.58 19.46
CA ALA A 276 -13.40 32.58 20.83
C ALA A 276 -13.59 31.20 21.46
N GLY A 277 -12.54 30.70 22.10
CA GLY A 277 -12.58 29.40 22.74
C GLY A 277 -13.06 29.47 24.18
N PRO A 278 -13.04 28.32 24.87
CA PRO A 278 -13.46 28.33 26.28
C PRO A 278 -12.60 29.21 27.17
N ASP A 279 -11.29 29.28 26.90
CA ASP A 279 -10.38 30.09 27.70
C ASP A 279 -10.03 31.41 27.04
N GLY A 280 -10.68 31.75 25.93
CA GLY A 280 -10.42 32.98 25.23
C GLY A 280 -9.37 32.89 24.14
N GLU A 281 -8.68 31.75 24.02
CA GLU A 281 -7.70 31.59 22.95
C GLU A 281 -8.39 31.56 21.60
N LEU A 282 -7.80 32.27 20.63
CA LEU A 282 -8.37 32.35 19.29
C LEU A 282 -8.05 31.08 18.52
N VAL A 283 -9.09 30.35 18.12
CA VAL A 283 -8.95 29.06 17.44
C VAL A 283 -9.73 29.12 16.13
N ALA A 284 -9.18 28.46 15.11
CA ALA A 284 -9.71 28.53 13.75
C ALA A 284 -10.55 27.30 13.45
N VAL A 285 -11.73 27.52 12.89
CA VAL A 285 -12.59 26.44 12.41
C VAL A 285 -12.93 26.72 10.95
N PRO A 286 -12.97 25.70 10.09
CA PRO A 286 -13.17 25.95 8.66
C PRO A 286 -14.57 26.41 8.34
N GLY A 287 -14.70 27.05 7.18
CA GLY A 287 -15.98 27.51 6.68
C GLY A 287 -16.67 26.43 5.85
N VAL A 288 -17.58 26.88 4.99
CA VAL A 288 -18.34 25.94 4.16
C VAL A 288 -17.43 25.31 3.10
N LYS A 289 -16.60 26.12 2.43
CA LYS A 289 -15.78 25.61 1.35
C LYS A 289 -14.69 24.66 1.87
N GLY A 290 -14.13 24.93 3.04
CA GLY A 290 -13.16 24.02 3.61
C GLY A 290 -13.73 22.65 3.90
N LEU A 291 -14.93 22.63 4.50
CA LEU A 291 -15.59 21.35 4.77
C LEU A 291 -16.01 20.66 3.49
N GLU A 292 -16.39 21.42 2.45
CA GLU A 292 -16.68 20.81 1.16
C GLU A 292 -15.44 20.16 0.56
N ILE A 293 -14.29 20.82 0.68
CA ILE A 293 -13.03 20.24 0.20
C ILE A 293 -12.73 18.96 0.98
N ILE A 294 -12.92 18.99 2.29
CA ILE A 294 -12.65 17.80 3.11
C ILE A 294 -13.58 16.66 2.71
N LYS A 295 -14.85 16.97 2.43
CA LYS A 295 -15.79 15.92 2.04
C LYS A 295 -15.43 15.35 0.67
N LYS A 296 -15.01 16.20 -0.27
CA LYS A 296 -14.54 15.69 -1.56
C LYS A 296 -13.32 14.79 -1.39
N LEU A 297 -12.42 15.16 -0.48
CA LEU A 297 -11.28 14.29 -0.19
C LEU A 297 -11.74 12.96 0.39
N LEU A 298 -12.73 12.99 1.28
CA LEU A 298 -13.20 11.75 1.91
C LEU A 298 -13.89 10.85 0.90
N GLU A 299 -14.55 11.42 -0.12
CA GLU A 299 -15.18 10.61 -1.15
C GLU A 299 -14.18 9.96 -2.09
N GLU A 300 -12.90 10.32 -2.02
CA GLU A 300 -11.87 9.76 -2.88
C GLU A 300 -10.94 8.80 -2.16
N GLY A 301 -11.15 8.54 -0.87
CA GLY A 301 -10.31 7.65 -0.12
C GLY A 301 -9.25 8.31 0.74
N LYS A 302 -9.28 9.64 0.89
CA LYS A 302 -8.31 10.35 1.71
C LYS A 302 -9.01 11.21 2.75
N GLY A 303 -8.26 12.04 3.46
CA GLY A 303 -8.83 13.03 4.33
C GLY A 303 -9.24 12.57 5.71
N VAL A 304 -8.81 11.38 6.13
CA VAL A 304 -9.15 10.90 7.47
C VAL A 304 -8.43 11.73 8.54
N ASN A 305 -7.16 12.05 8.30
CA ASN A 305 -6.42 12.89 9.25
C ASN A 305 -7.06 14.26 9.38
N LEU A 306 -7.42 14.87 8.26
CA LEU A 306 -8.02 16.19 8.28
C LEU A 306 -9.40 16.18 8.95
N ALA A 307 -10.19 15.13 8.71
CA ALA A 307 -11.49 15.04 9.34
C ALA A 307 -11.38 14.85 10.85
N LEU A 308 -10.47 13.97 11.30
CA LEU A 308 -10.29 13.78 12.74
C LEU A 308 -9.78 15.05 13.40
N TRP A 309 -8.84 15.75 12.75
CA TRP A 309 -8.35 17.01 13.30
C TRP A 309 -9.44 18.06 13.34
N THR A 310 -10.31 18.10 12.33
CA THR A 310 -11.42 19.04 12.32
C THR A 310 -12.37 18.77 13.48
N LEU A 311 -12.67 17.50 13.74
CA LEU A 311 -13.54 17.17 14.87
C LEU A 311 -12.90 17.54 16.20
N GLY A 312 -11.59 17.31 16.34
CA GLY A 312 -10.90 17.71 17.56
C GLY A 312 -10.91 19.22 17.76
N ARG A 313 -10.71 19.98 16.68
CA ARG A 313 -10.72 21.43 16.79
C ARG A 313 -12.11 21.95 17.11
N LEU A 314 -13.15 21.31 16.55
CA LEU A 314 -14.51 21.67 16.92
C LEU A 314 -14.75 21.38 18.40
N LEU A 315 -14.21 20.28 18.90
CA LEU A 315 -14.30 19.98 20.33
C LEU A 315 -13.67 21.10 21.15
N ARG A 316 -12.48 21.54 20.77
CA ARG A 316 -11.78 22.56 21.54
C ARG A 316 -12.25 23.97 21.23
N ALA A 317 -13.19 24.15 20.29
CA ALA A 317 -13.69 25.46 19.91
C ALA A 317 -15.14 25.68 20.33
N LEU A 318 -15.67 24.86 21.22
CA LEU A 318 -17.07 24.96 21.63
C LEU A 318 -17.17 25.04 23.15
N ASP A 319 -18.23 25.72 23.62
CA ASP A 319 -18.53 25.81 25.04
C ASP A 319 -19.70 24.88 25.33
N LEU A 320 -19.47 23.92 26.23
CA LEU A 320 -20.44 22.88 26.53
C LEU A 320 -20.46 22.62 28.03
N SER A 321 -21.51 21.96 28.48
CA SER A 321 -21.57 21.50 29.86
C SER A 321 -20.52 20.41 30.08
N PRO A 322 -20.03 20.24 31.31
CA PRO A 322 -18.97 19.26 31.54
C PRO A 322 -19.33 17.84 31.12
N GLU A 323 -20.58 17.42 31.34
CA GLU A 323 -20.97 16.05 30.98
C GLU A 323 -20.95 15.84 29.48
N ALA A 324 -21.51 16.80 28.72
CA ALA A 324 -21.53 16.66 27.26
C ALA A 324 -20.13 16.66 26.69
N ARG A 325 -19.26 17.55 27.18
CA ARG A 325 -17.88 17.59 26.70
C ARG A 325 -17.13 16.31 27.05
N ALA A 326 -17.34 15.78 28.26
CA ALA A 326 -16.70 14.52 28.63
C ALA A 326 -17.18 13.39 27.74
N ALA A 327 -18.48 13.34 27.45
CA ALA A 327 -19.02 12.30 26.58
C ALA A 327 -18.45 12.40 25.18
N TYR A 328 -18.34 13.62 24.65
CA TYR A 328 -17.81 13.80 23.29
C TYR A 328 -16.34 13.42 23.23
N GLU A 329 -15.56 13.79 24.26
CA GLU A 329 -14.16 13.41 24.31
C GLU A 329 -14.00 11.89 24.38
N ALA A 330 -14.82 11.23 25.20
CA ALA A 330 -14.78 9.78 25.29
C ALA A 330 -15.18 9.13 23.97
N ALA A 331 -16.15 9.72 23.26
CA ALA A 331 -16.55 9.20 21.96
C ALA A 331 -15.41 9.29 20.96
N LEU A 332 -14.69 10.43 20.95
CA LEU A 332 -13.55 10.56 20.05
C LEU A 332 -12.44 9.57 20.40
N GLU A 333 -12.19 9.38 21.71
CA GLU A 333 -11.21 8.40 22.13
C GLU A 333 -11.58 7.00 21.66
N ALA A 334 -12.85 6.61 21.82
CA ALA A 334 -13.29 5.30 21.38
C ALA A 334 -13.22 5.16 19.87
N LEU A 335 -13.53 6.24 19.14
CA LEU A 335 -13.42 6.20 17.68
C LEU A 335 -11.98 5.91 17.25
N ARG A 336 -11.01 6.64 17.82
CA ARG A 336 -9.61 6.41 17.48
C ARG A 336 -9.17 5.00 17.87
N ARG A 337 -9.56 4.55 19.06
CA ARG A 337 -9.16 3.23 19.53
C ARG A 337 -9.71 2.12 18.64
N ALA A 338 -10.98 2.23 18.25
CA ALA A 338 -11.58 1.21 17.41
C ALA A 338 -11.01 1.25 16.00
N ARG A 339 -10.64 2.44 15.50
CA ARG A 339 -9.94 2.50 14.23
C ARG A 339 -8.64 1.72 14.28
N LEU A 340 -7.84 1.93 15.34
CA LEU A 340 -6.60 1.19 15.48
C LEU A 340 -6.86 -0.31 15.62
N GLN A 341 -7.91 -0.69 16.36
CA GLN A 341 -8.23 -2.11 16.51
C GLN A 341 -8.61 -2.75 15.18
N LEU A 342 -9.35 -2.02 14.35
CA LEU A 342 -9.72 -2.54 13.02
C LEU A 342 -8.49 -2.72 12.14
N GLN A 343 -7.60 -1.72 12.13
CA GLN A 343 -6.34 -1.89 11.39
C GLN A 343 -5.55 -3.07 11.93
N TYR A 344 -5.62 -3.33 13.24
CA TYR A 344 -4.90 -4.46 13.82
C TYR A 344 -5.48 -5.79 13.37
N VAL A 345 -6.80 -5.96 13.45
CA VAL A 345 -7.41 -7.24 13.12
C VAL A 345 -7.29 -7.53 11.63
N GLN A 346 -7.36 -6.50 10.78
CA GLN A 346 -7.19 -6.76 9.35
C GLN A 346 -5.75 -7.10 8.98
N SER A 347 -4.79 -6.92 9.90
CA SER A 347 -3.39 -7.11 9.59
C SER A 347 -3.03 -8.59 9.68
N GLU A 348 -1.73 -8.90 9.52
CA GLU A 348 -1.24 -10.27 9.56
C GLU A 348 -0.82 -10.69 10.96
N ARG A 349 -0.84 -9.78 11.95
CA ARG A 349 -0.46 -10.11 13.31
C ARG A 349 -1.56 -10.85 14.08
N TYR A 350 -2.77 -10.91 13.54
CA TYR A 350 -3.88 -11.57 14.21
C TYR A 350 -3.71 -13.08 14.11
N GLU A 351 -3.92 -13.77 15.24
CA GLU A 351 -3.65 -15.20 15.33
C GLU A 351 -4.90 -16.04 15.56
N GLY A 352 -6.08 -15.43 15.53
CA GLY A 352 -7.31 -16.16 15.75
C GLY A 352 -7.82 -16.83 14.49
N SER A 353 -8.99 -17.45 14.62
CA SER A 353 -9.64 -18.13 13.51
C SER A 353 -10.50 -17.15 12.72
N ASP A 354 -11.04 -17.64 11.60
CA ASP A 354 -11.81 -16.77 10.70
C ASP A 354 -13.08 -16.26 11.38
N ARG A 355 -13.77 -17.13 12.11
CA ARG A 355 -15.01 -16.71 12.77
C ARG A 355 -14.73 -15.63 13.81
N GLU A 356 -13.66 -15.80 14.59
CA GLU A 356 -13.29 -14.78 15.57
C GLU A 356 -12.89 -13.48 14.88
N ARG A 357 -12.20 -13.57 13.74
CA ARG A 357 -11.81 -12.37 13.00
C ARG A 357 -13.04 -11.61 12.52
N ALA A 358 -14.02 -12.31 11.96
CA ALA A 358 -15.24 -11.64 11.51
C ALA A 358 -16.00 -11.02 12.68
N GLU A 359 -16.06 -11.73 13.81
CA GLU A 359 -16.72 -11.20 14.98
C GLU A 359 -16.05 -9.92 15.47
N ALA A 360 -14.71 -9.92 15.49
CA ALA A 360 -13.97 -8.74 15.91
C ALA A 360 -14.19 -7.57 14.95
N ILE A 361 -14.22 -7.85 13.64
CA ILE A 361 -14.47 -6.80 12.66
C ILE A 361 -15.83 -6.16 12.90
N ARG A 362 -16.85 -6.99 13.10
CA ARG A 362 -18.19 -6.46 13.35
C ARG A 362 -18.24 -5.64 14.63
N ALA A 363 -17.59 -6.13 15.70
CA ALA A 363 -17.59 -5.39 16.97
C ALA A 363 -16.90 -4.04 16.82
N ALA A 364 -15.76 -4.00 16.12
CA ALA A 364 -15.05 -2.75 15.92
C ALA A 364 -15.89 -1.75 15.14
N PHE A 365 -16.55 -2.22 14.07
CA PHE A 365 -17.39 -1.31 13.31
C PHE A 365 -18.56 -0.80 14.15
N GLU A 366 -19.13 -1.66 15.00
CA GLU A 366 -20.21 -1.23 15.87
C GLU A 366 -19.75 -0.14 16.83
N THR A 367 -18.56 -0.31 17.41
CA THR A 367 -18.03 0.73 18.30
C THR A 367 -17.82 2.04 17.55
N ILE A 368 -17.25 1.98 16.34
CA ILE A 368 -17.05 3.19 15.56
C ILE A 368 -18.38 3.89 15.30
N ARG A 369 -19.40 3.12 14.92
CA ARG A 369 -20.69 3.71 14.58
C ARG A 369 -21.36 4.32 15.80
N ALA A 370 -21.26 3.68 16.97
CA ALA A 370 -21.84 4.25 18.18
C ALA A 370 -21.14 5.55 18.57
N ALA A 371 -19.81 5.59 18.47
CA ALA A 371 -19.08 6.81 18.77
C ALA A 371 -19.47 7.93 17.82
N ALA A 372 -19.60 7.61 16.53
CA ALA A 372 -20.02 8.61 15.55
C ALA A 372 -21.42 9.14 15.85
N GLU A 373 -22.33 8.25 16.27
CA GLU A 373 -23.67 8.70 16.64
C GLU A 373 -23.63 9.63 17.85
N THR A 374 -22.79 9.32 18.84
CA THR A 374 -22.67 10.20 20.00
C THR A 374 -22.14 11.57 19.60
N ILE A 375 -21.12 11.62 18.73
CA ILE A 375 -20.60 12.89 18.25
C ILE A 375 -21.69 13.66 17.51
N ARG A 376 -22.47 12.97 16.68
CA ARG A 376 -23.55 13.62 15.93
C ARG A 376 -24.58 14.22 16.88
N ALA A 377 -24.95 13.48 17.92
CA ALA A 377 -25.93 13.98 18.88
C ALA A 377 -25.39 15.20 19.61
N VAL A 378 -24.11 15.17 19.99
CA VAL A 378 -23.51 16.33 20.67
C VAL A 378 -23.55 17.55 19.75
N ILE A 379 -23.20 17.37 18.48
CA ILE A 379 -23.20 18.50 17.55
C ILE A 379 -24.61 19.05 17.38
N GLU A 380 -25.59 18.16 17.22
CA GLU A 380 -26.97 18.61 16.98
C GLU A 380 -27.54 19.31 18.21
N ALA A 381 -27.18 18.85 19.40
CA ALA A 381 -27.72 19.46 20.62
C ALA A 381 -27.30 20.92 20.75
N ASP A 382 -26.05 21.24 20.43
CA ASP A 382 -25.58 22.62 20.49
C ASP A 382 -26.29 23.46 19.43
N THR A 383 -26.54 24.73 19.78
CA THR A 383 -27.24 25.65 18.88
C THR A 383 -26.46 26.94 18.68
N SER A 384 -25.13 26.87 18.64
CA SER A 384 -24.28 28.05 18.47
C SER A 384 -23.75 28.21 17.05
N LEU A 385 -24.23 27.41 16.10
CA LEU A 385 -23.72 27.46 14.74
C LEU A 385 -24.87 27.54 13.74
N PRO A 386 -24.65 28.14 12.58
CA PRO A 386 -25.68 28.17 11.54
C PRO A 386 -25.93 26.78 10.97
N ALA A 387 -27.06 26.66 10.26
CA ALA A 387 -27.49 25.36 9.75
C ALA A 387 -26.52 24.82 8.71
N GLU A 388 -25.97 25.68 7.85
CA GLU A 388 -25.12 25.22 6.76
C GLU A 388 -23.86 24.53 7.28
N LEU A 389 -23.22 25.14 8.28
CA LEU A 389 -22.01 24.54 8.84
C LEU A 389 -22.32 23.21 9.53
N LYS A 390 -23.43 23.13 10.25
CA LYS A 390 -23.83 21.88 10.88
C LYS A 390 -24.06 20.80 9.84
N ALA A 391 -24.74 21.14 8.74
CA ALA A 391 -24.98 20.17 7.68
C ALA A 391 -23.67 19.71 7.06
N ALA A 392 -22.72 20.63 6.87
CA ALA A 392 -21.42 20.25 6.32
C ALA A 392 -20.70 19.28 7.26
N TYR A 393 -20.74 19.55 8.57
CA TYR A 393 -20.10 18.64 9.52
C TYR A 393 -20.74 17.26 9.49
N ILE A 394 -22.08 17.21 9.46
CA ILE A 394 -22.76 15.92 9.42
C ILE A 394 -22.44 15.17 8.13
N GLU A 395 -22.31 15.89 7.01
CA GLU A 395 -21.93 15.24 5.77
C GLU A 395 -20.51 14.68 5.84
N VAL A 396 -19.60 15.40 6.49
CA VAL A 396 -18.24 14.89 6.68
C VAL A 396 -18.29 13.58 7.48
N ILE A 397 -19.09 13.56 8.56
CA ILE A 397 -19.22 12.34 9.36
C ILE A 397 -19.82 11.21 8.52
N TYR A 398 -20.83 11.51 7.71
CA TYR A 398 -21.42 10.51 6.82
C TYR A 398 -20.38 9.91 5.90
N ALA A 399 -19.54 10.75 5.29
CA ALA A 399 -18.53 10.25 4.37
C ALA A 399 -17.51 9.37 5.09
N TYR A 400 -17.09 9.76 6.29
CA TYR A 400 -16.14 8.95 7.04
C TYR A 400 -16.74 7.57 7.36
N LEU A 401 -18.00 7.56 7.81
CA LEU A 401 -18.64 6.29 8.13
C LEU A 401 -18.83 5.44 6.89
N LEU A 402 -19.11 6.07 5.74
CA LEU A 402 -19.24 5.31 4.50
C LEU A 402 -17.93 4.65 4.11
N GLN A 403 -16.80 5.36 4.27
CA GLN A 403 -15.52 4.74 3.97
C GLN A 403 -15.25 3.55 4.90
N VAL A 404 -15.53 3.72 6.19
CA VAL A 404 -15.33 2.60 7.13
C VAL A 404 -16.23 1.42 6.75
N ALA A 405 -17.47 1.72 6.32
CA ALA A 405 -18.39 0.66 5.91
C ALA A 405 -17.88 -0.07 4.68
N ARG A 406 -17.30 0.66 3.73
CA ARG A 406 -16.75 0.00 2.54
C ARG A 406 -15.62 -0.95 2.93
N GLU A 407 -14.73 -0.51 3.83
CA GLU A 407 -13.64 -1.40 4.26
C GLU A 407 -14.18 -2.64 4.96
N VAL A 408 -15.15 -2.47 5.85
CA VAL A 408 -15.73 -3.60 6.57
C VAL A 408 -16.42 -4.55 5.61
N ARG A 409 -17.13 -4.01 4.61
CA ARG A 409 -17.81 -4.85 3.64
C ARG A 409 -16.82 -5.64 2.81
N ASP A 410 -15.70 -5.03 2.42
CA ASP A 410 -14.68 -5.77 1.68
C ASP A 410 -14.12 -6.93 2.51
N ALA A 411 -13.82 -6.67 3.79
CA ALA A 411 -13.30 -7.74 4.63
C ALA A 411 -14.31 -8.87 4.81
N LEU A 412 -15.58 -8.52 5.03
CA LEU A 412 -16.60 -9.55 5.22
C LEU A 412 -16.83 -10.35 3.94
N TRP A 413 -16.78 -9.69 2.78
CA TRP A 413 -16.87 -10.44 1.53
C TRP A 413 -15.65 -11.33 1.33
N ARG A 414 -14.49 -10.95 1.87
CA ARG A 414 -13.35 -11.85 1.82
C ARG A 414 -13.58 -13.09 2.68
N LEU A 415 -14.25 -12.93 3.82
CA LEU A 415 -14.59 -14.07 4.68
C LEU A 415 -15.92 -14.73 4.31
N ALA A 416 -16.54 -14.30 3.20
CA ALA A 416 -17.80 -14.89 2.77
C ALA A 416 -17.74 -16.40 2.59
N GLU A 417 -16.57 -16.94 2.22
CA GLU A 417 -16.49 -18.39 2.02
C GLU A 417 -16.82 -19.16 3.29
N GLU A 418 -16.44 -18.62 4.45
CA GLU A 418 -16.80 -19.22 5.72
C GLU A 418 -18.16 -18.73 6.23
N ILE A 419 -18.57 -17.52 5.86
CA ILE A 419 -19.84 -17.00 6.35
C ILE A 419 -21.03 -17.72 5.71
N LEU A 420 -20.96 -17.97 4.41
CA LEU A 420 -22.15 -18.33 3.63
C LEU A 420 -22.81 -19.67 3.96
N PRO A 421 -22.09 -20.80 4.14
CA PRO A 421 -22.76 -22.12 4.02
C PRO A 421 -23.97 -22.33 4.90
N GLU A 422 -23.95 -21.86 6.15
CA GLU A 422 -25.11 -22.04 7.02
C GLU A 422 -26.35 -21.36 6.45
N TYR A 423 -26.18 -20.11 6.00
CA TYR A 423 -27.29 -19.39 5.39
C TYR A 423 -27.71 -20.01 4.07
N ILE A 424 -26.77 -20.57 3.32
CA ILE A 424 -27.12 -21.27 2.07
C ILE A 424 -28.04 -22.45 2.36
N GLU A 425 -27.66 -23.27 3.34
CA GLU A 425 -28.49 -24.42 3.68
C GLU A 425 -29.85 -24.00 4.20
N LYS A 426 -29.89 -22.97 5.06
CA LYS A 426 -31.16 -22.50 5.58
C LYS A 426 -32.04 -21.95 4.46
N PHE A 427 -31.44 -21.32 3.45
CA PHE A 427 -32.20 -20.69 2.39
C PHE A 427 -32.74 -21.73 1.40
N PHE A 428 -31.98 -22.80 1.16
CA PHE A 428 -32.54 -23.92 0.41
C PHE A 428 -33.49 -24.80 1.21
N LYS A 429 -33.52 -24.66 2.53
CA LYS A 429 -34.33 -25.52 3.39
C LYS A 429 -35.36 -24.72 4.17
N GLY A 430 -36.08 -23.81 3.50
CA GLY A 430 -37.08 -23.01 4.17
C GLY A 430 -38.23 -22.65 3.23
N SER A 431 -39.24 -22.02 3.82
CA SER A 431 -40.41 -21.56 3.08
C SER A 431 -40.23 -20.09 2.70
N GLU A 432 -41.29 -19.49 2.14
CA GLU A 432 -41.19 -18.14 1.59
C GLU A 432 -40.81 -17.12 2.66
N GLU A 433 -41.55 -17.10 3.77
CA GLU A 433 -41.20 -16.19 4.86
C GLU A 433 -39.83 -16.54 5.44
N GLU A 434 -39.56 -17.83 5.59
CA GLU A 434 -38.24 -18.26 6.03
C GLU A 434 -37.17 -17.85 5.01
N GLN A 435 -37.52 -17.89 3.72
CA GLN A 435 -36.57 -17.45 2.71
C GLN A 435 -36.26 -15.96 2.85
N ARG A 436 -37.28 -15.14 3.09
CA ARG A 436 -37.04 -13.71 3.27
C ARG A 436 -36.20 -13.45 4.52
N LEU A 437 -36.49 -14.17 5.61
CA LEU A 437 -35.69 -14.01 6.82
C LEU A 437 -34.24 -14.41 6.58
N THR A 438 -34.03 -15.52 5.87
CA THR A 438 -32.68 -15.97 5.59
C THR A 438 -31.95 -14.98 4.69
N LEU A 439 -32.63 -14.40 3.71
CA LEU A 439 -32.00 -13.40 2.86
C LEU A 439 -31.61 -12.16 3.66
N TYR A 440 -32.49 -11.72 4.55
CA TYR A 440 -32.16 -10.55 5.37
C TYR A 440 -30.96 -10.83 6.26
N GLU A 441 -30.94 -11.99 6.91
CA GLU A 441 -29.83 -12.31 7.80
C GLU A 441 -28.53 -12.51 7.03
N LEU A 442 -28.61 -13.09 5.83
CA LEU A 442 -27.42 -13.26 5.00
C LEU A 442 -26.86 -11.92 4.55
N LEU A 443 -27.74 -11.00 4.12
CA LEU A 443 -27.27 -9.68 3.73
C LEU A 443 -26.69 -8.92 4.92
N ARG A 444 -27.26 -9.09 6.10
CA ARG A 444 -26.73 -8.45 7.29
C ARG A 444 -25.34 -9.00 7.64
N ALA A 445 -25.18 -10.33 7.57
CA ALA A 445 -23.92 -10.93 7.96
C ALA A 445 -22.78 -10.49 7.05
N LEU A 446 -23.02 -10.43 5.74
CA LEU A 446 -21.99 -9.99 4.81
C LEU A 446 -21.73 -8.49 4.88
N GLY A 447 -22.57 -7.74 5.60
CA GLY A 447 -22.32 -6.33 5.81
C GLY A 447 -22.49 -5.46 4.59
N GLU A 448 -23.72 -5.33 4.09
CA GLU A 448 -24.01 -4.37 3.03
C GLU A 448 -24.21 -2.99 3.66
N ASP A 449 -23.24 -2.60 4.50
CA ASP A 449 -23.39 -1.42 5.33
C ASP A 449 -23.43 -0.15 4.51
N TYR A 450 -22.85 -0.16 3.31
CA TYR A 450 -22.97 1.00 2.42
C TYR A 450 -24.43 1.25 2.07
N PHE A 451 -25.14 0.21 1.63
CA PHE A 451 -26.54 0.38 1.26
C PHE A 451 -27.39 0.66 2.50
N PHE A 452 -27.08 0.03 3.62
CA PHE A 452 -27.83 0.33 4.85
C PHE A 452 -27.64 1.79 5.26
N LEU A 453 -26.42 2.32 5.15
CA LEU A 453 -26.16 3.71 5.51
C LEU A 453 -26.86 4.66 4.54
N ASP A 454 -26.88 4.31 3.25
CA ASP A 454 -27.61 5.12 2.28
C ASP A 454 -29.10 5.16 2.63
N LEU A 455 -29.66 4.03 3.07
CA LEU A 455 -31.02 4.04 3.57
C LEU A 455 -31.16 4.92 4.81
N GLU A 456 -30.20 4.83 5.73
CA GLU A 456 -30.26 5.53 7.01
C GLU A 456 -29.97 7.01 6.89
N LYS A 457 -29.55 7.49 5.71
CA LYS A 457 -29.30 8.92 5.55
C LYS A 457 -30.55 9.74 5.86
N GLU A 458 -31.72 9.27 5.41
CA GLU A 458 -32.97 9.97 5.67
C GLU A 458 -33.45 9.81 7.11
N GLY A 459 -32.83 8.93 7.89
CA GLY A 459 -33.20 8.73 9.27
C GLY A 459 -34.06 7.51 9.56
N TYR A 460 -34.13 6.53 8.65
CA TYR A 460 -34.92 5.34 8.88
C TYR A 460 -34.35 4.53 10.04
N SER A 461 -35.24 3.98 10.87
CA SER A 461 -34.84 3.22 12.04
C SER A 461 -34.63 1.75 11.68
N GLU A 462 -33.99 1.01 12.59
CA GLU A 462 -33.73 -0.40 12.35
C GLU A 462 -35.02 -1.21 12.31
N GLU A 463 -35.96 -0.92 13.20
CA GLU A 463 -37.23 -1.65 13.20
C GLU A 463 -38.01 -1.38 11.92
N GLU A 464 -37.99 -0.12 11.44
CA GLU A 464 -38.64 0.19 10.18
C GLU A 464 -37.99 -0.58 9.03
N LEU A 465 -36.66 -0.69 9.04
CA LEU A 465 -35.97 -1.44 7.99
C LEU A 465 -36.35 -2.93 8.05
N ARG A 466 -36.43 -3.49 9.25
CA ARG A 466 -36.81 -4.89 9.39
C ARG A 466 -38.23 -5.11 8.87
N GLU A 467 -39.15 -4.21 9.22
CA GLU A 467 -40.53 -4.34 8.73
C GLU A 467 -40.59 -4.19 7.23
N LEU A 468 -39.80 -3.27 6.66
CA LEU A 468 -39.78 -3.08 5.21
C LEU A 468 -39.26 -4.33 4.51
N PHE A 469 -38.20 -4.95 5.05
CA PHE A 469 -37.66 -6.15 4.43
C PHE A 469 -38.63 -7.33 4.57
N ARG A 470 -39.33 -7.42 5.71
CA ARG A 470 -40.27 -8.51 5.91
C ARG A 470 -41.48 -8.41 5.00
N ASN A 471 -41.84 -7.22 4.53
CA ASN A 471 -43.00 -7.02 3.67
C ASN A 471 -42.62 -6.91 2.20
N ALA A 472 -41.39 -7.21 1.84
CA ALA A 472 -40.98 -7.14 0.44
C ALA A 472 -41.53 -8.34 -0.34
N LYS A 473 -41.46 -8.23 -1.66
CA LYS A 473 -41.97 -9.27 -2.56
C LYS A 473 -40.79 -10.06 -3.14
N LEU A 474 -40.88 -11.39 -3.04
CA LEU A 474 -39.85 -12.30 -3.51
C LEU A 474 -40.46 -13.32 -4.44
N GLU A 475 -39.83 -13.51 -5.60
CA GLU A 475 -40.28 -14.50 -6.57
C GLU A 475 -39.07 -15.28 -7.07
N VAL A 476 -39.29 -16.55 -7.39
CA VAL A 476 -38.23 -17.46 -7.81
C VAL A 476 -38.47 -17.86 -9.26
N ILE A 477 -37.40 -17.90 -10.05
CA ILE A 477 -37.45 -18.26 -11.46
C ILE A 477 -36.60 -19.50 -11.67
N ASN A 478 -37.17 -20.51 -12.32
CA ASN A 478 -36.45 -21.72 -12.68
C ASN A 478 -36.00 -21.58 -14.14
N ALA A 479 -34.69 -21.38 -14.33
CA ALA A 479 -34.17 -21.16 -15.68
C ALA A 479 -34.36 -22.39 -16.56
N ASP A 480 -34.14 -23.58 -16.00
CA ASP A 480 -34.25 -24.83 -16.75
C ASP A 480 -34.94 -25.87 -15.90
N GLU A 481 -35.41 -26.93 -16.57
CA GLU A 481 -36.12 -28.00 -15.88
C GLU A 481 -35.21 -28.73 -14.89
N SER A 482 -33.92 -28.88 -15.23
CA SER A 482 -33.00 -29.57 -14.34
C SER A 482 -32.80 -28.82 -13.02
N GLY A 483 -33.08 -27.52 -12.98
CA GLY A 483 -32.96 -26.76 -11.76
C GLY A 483 -31.56 -26.47 -11.32
N LYS A 484 -30.58 -26.53 -12.22
CA LYS A 484 -29.21 -26.22 -11.85
C LYS A 484 -29.06 -24.75 -11.45
N ILE A 485 -29.71 -23.85 -12.18
CA ILE A 485 -29.60 -22.42 -11.95
C ILE A 485 -30.94 -21.90 -11.46
N LYS A 486 -30.94 -21.21 -10.32
CA LYS A 486 -32.14 -20.63 -9.74
C LYS A 486 -31.92 -19.15 -9.53
N LEU A 487 -32.88 -18.34 -9.97
CA LEU A 487 -32.81 -16.89 -9.88
C LEU A 487 -33.88 -16.39 -8.93
N TYR A 488 -33.49 -15.54 -7.98
CA TYR A 488 -34.42 -14.92 -7.04
C TYR A 488 -34.35 -13.41 -7.18
N ASN A 489 -35.50 -12.77 -7.36
CA ASN A 489 -35.60 -11.33 -7.51
C ASN A 489 -36.32 -10.74 -6.31
N LEU A 490 -35.72 -9.70 -5.72
CA LEU A 490 -36.25 -9.07 -4.52
C LEU A 490 -36.41 -7.58 -4.79
N ILE A 491 -37.53 -7.01 -4.34
CA ILE A 491 -37.85 -5.60 -4.53
C ILE A 491 -37.86 -4.92 -3.17
N LEU A 492 -37.01 -3.91 -3.01
CA LEU A 492 -37.01 -3.06 -1.82
C LEU A 492 -37.38 -1.65 -2.26
N ASP A 493 -38.44 -1.10 -1.68
CA ASP A 493 -38.97 0.20 -2.06
C ASP A 493 -38.80 1.18 -0.91
N ALA A 494 -38.54 2.44 -1.25
CA ALA A 494 -38.45 3.51 -0.26
C ALA A 494 -39.64 4.45 -0.44
N LYS A 495 -40.45 4.58 0.62
CA LYS A 495 -41.64 5.41 0.54
C LYS A 495 -41.29 6.88 0.42
N LYS A 496 -40.33 7.34 1.23
CA LYS A 496 -39.96 8.76 1.22
C LYS A 496 -39.15 9.11 -0.02
N LEU A 497 -38.21 8.26 -0.41
CA LEU A 497 -37.36 8.56 -1.56
C LEU A 497 -37.98 8.14 -2.88
N ASN A 498 -39.07 7.39 -2.86
CA ASN A 498 -39.78 6.97 -4.08
C ASN A 498 -38.85 6.24 -5.04
N ARG A 499 -38.08 5.30 -4.49
CA ARG A 499 -37.14 4.51 -5.29
C ARG A 499 -37.31 3.03 -4.97
N LYS A 500 -36.93 2.19 -5.93
CA LYS A 500 -36.97 0.74 -5.78
C LYS A 500 -35.58 0.17 -6.00
N VAL A 501 -35.23 -0.85 -5.22
CA VAL A 501 -33.93 -1.50 -5.30
C VAL A 501 -34.12 -2.95 -5.71
N LEU A 502 -33.39 -3.37 -6.74
CA LEU A 502 -33.46 -4.71 -7.28
C LEU A 502 -32.24 -5.51 -6.86
N ILE A 503 -32.45 -6.71 -6.34
CA ILE A 503 -31.37 -7.61 -5.95
C ILE A 503 -31.59 -8.94 -6.67
N LYS A 504 -30.59 -9.37 -7.44
CA LYS A 504 -30.64 -10.62 -8.17
C LYS A 504 -29.58 -11.56 -7.63
N ILE A 505 -29.99 -12.76 -7.24
CA ILE A 505 -29.08 -13.79 -6.73
C ILE A 505 -29.25 -15.04 -7.58
N THR A 506 -28.16 -15.50 -8.17
CA THR A 506 -28.15 -16.72 -8.97
C THR A 506 -27.40 -17.80 -8.21
N LEU A 507 -28.02 -18.96 -8.08
CA LEU A 507 -27.44 -20.10 -7.35
C LEU A 507 -27.25 -21.25 -8.32
N THR A 508 -26.06 -21.34 -8.91
CA THR A 508 -25.71 -22.45 -9.79
C THR A 508 -25.27 -23.62 -8.92
N GLU A 509 -26.08 -24.68 -8.91
CA GLU A 509 -25.82 -25.84 -8.06
C GLU A 509 -24.96 -26.83 -8.84
N LEU A 510 -23.64 -26.75 -8.62
CA LEU A 510 -22.72 -27.67 -9.28
C LEU A 510 -22.99 -29.11 -8.86
N SER A 511 -23.19 -29.33 -7.57
CA SER A 511 -23.51 -30.64 -7.03
C SER A 511 -24.16 -30.45 -5.66
N GLU A 512 -24.28 -31.53 -4.90
CA GLU A 512 -24.81 -31.44 -3.55
C GLU A 512 -23.72 -30.95 -2.61
N GLY A 513 -23.87 -29.71 -2.13
CA GLY A 513 -22.88 -29.10 -1.28
C GLY A 513 -21.96 -28.11 -1.98
N SER A 514 -22.19 -27.83 -3.26
CA SER A 514 -21.37 -26.89 -4.01
C SER A 514 -22.29 -25.91 -4.74
N TYR A 515 -22.04 -24.62 -4.58
CA TYR A 515 -22.86 -23.59 -5.21
C TYR A 515 -22.00 -22.40 -5.59
N ILE A 516 -22.51 -21.60 -6.52
CA ILE A 516 -21.89 -20.34 -6.92
C ILE A 516 -22.92 -19.24 -6.77
N ILE A 517 -22.57 -18.18 -6.04
CA ILE A 517 -23.49 -17.09 -5.74
C ILE A 517 -23.00 -15.82 -6.42
N THR A 518 -23.89 -15.16 -7.14
CA THR A 518 -23.64 -13.85 -7.73
C THR A 518 -24.71 -12.89 -7.23
N ILE A 519 -24.31 -11.91 -6.42
CA ILE A 519 -25.23 -10.95 -5.85
C ILE A 519 -25.09 -9.64 -6.62
N GLU A 520 -26.16 -9.24 -7.32
CA GLU A 520 -26.18 -8.03 -8.12
C GLU A 520 -27.22 -7.08 -7.55
N VAL A 521 -26.83 -5.82 -7.36
CA VAL A 521 -27.71 -4.79 -6.82
C VAL A 521 -27.83 -3.68 -7.84
N PHE A 522 -29.06 -3.27 -8.13
CA PHE A 522 -29.35 -2.21 -9.08
C PHE A 522 -29.96 -1.03 -8.36
N LYS A 523 -29.58 0.19 -8.78
CA LYS A 523 -30.16 1.39 -8.18
C LYS A 523 -31.66 1.45 -8.42
N SER A 524 -32.10 1.13 -9.64
CA SER A 524 -33.51 1.07 -9.98
C SER A 524 -33.74 -0.14 -10.87
N PRO A 525 -34.92 -0.77 -10.76
CA PRO A 525 -35.22 -1.90 -11.66
C PRO A 525 -35.24 -1.50 -13.12
N ASP A 526 -35.55 -0.24 -13.43
CA ASP A 526 -35.58 0.24 -14.80
C ASP A 526 -34.21 0.64 -15.32
N ALA A 527 -33.17 0.61 -14.48
CA ALA A 527 -31.82 0.98 -14.88
C ALA A 527 -31.02 -0.28 -15.17
N GLU A 528 -30.52 -0.39 -16.40
CA GLU A 528 -29.73 -1.55 -16.78
C GLU A 528 -28.34 -1.57 -16.16
N ILE A 529 -27.72 -0.41 -15.98
CA ILE A 529 -26.37 -0.32 -15.43
C ILE A 529 -26.42 -0.57 -13.93
N PRO A 530 -25.67 -1.54 -13.40
CA PRO A 530 -25.63 -1.72 -11.95
C PRO A 530 -24.74 -0.69 -11.27
N GLU A 531 -25.36 0.29 -10.60
CA GLU A 531 -24.57 1.30 -9.89
C GLU A 531 -23.72 0.67 -8.80
N TYR A 532 -24.22 -0.37 -8.14
CA TYR A 532 -23.48 -1.12 -7.16
C TYR A 532 -22.78 -2.29 -7.83
N GLU A 533 -21.69 -2.75 -7.22
CA GLU A 533 -20.83 -3.73 -7.85
C GLU A 533 -21.53 -5.09 -7.95
N ILE A 534 -20.95 -5.97 -8.76
CA ILE A 534 -21.39 -7.35 -8.88
C ILE A 534 -20.35 -8.24 -8.21
N ARG A 535 -20.81 -9.06 -7.25
CA ARG A 535 -19.92 -9.88 -6.44
C ARG A 535 -20.18 -11.36 -6.71
N VAL A 536 -19.09 -12.12 -6.83
CA VAL A 536 -19.16 -13.56 -7.10
C VAL A 536 -18.34 -14.30 -6.06
N ALA A 537 -18.91 -15.37 -5.51
CA ALA A 537 -18.22 -16.19 -4.52
C ALA A 537 -18.53 -17.65 -4.78
N ALA A 538 -17.62 -18.51 -4.34
CA ALA A 538 -17.74 -19.96 -4.48
C ALA A 538 -17.80 -20.59 -3.10
N VAL A 539 -18.79 -21.44 -2.87
CA VAL A 539 -19.03 -22.05 -1.57
C VAL A 539 -18.94 -23.56 -1.70
N GLY A 540 -17.95 -24.15 -1.04
CA GLY A 540 -17.86 -25.60 -0.96
C GLY A 540 -17.75 -26.31 -2.28
N ALA A 541 -17.03 -25.75 -3.24
CA ALA A 541 -16.83 -26.36 -4.55
C ALA A 541 -15.36 -26.65 -4.75
N THR A 542 -15.04 -27.92 -5.04
CA THR A 542 -13.65 -28.31 -5.25
C THR A 542 -13.09 -27.62 -6.49
N SER A 543 -11.76 -27.73 -6.64
CA SER A 543 -11.08 -27.04 -7.73
C SER A 543 -11.51 -27.56 -9.09
N GLU A 544 -11.72 -28.87 -9.22
CA GLU A 544 -12.10 -29.46 -10.50
C GLU A 544 -13.46 -28.93 -10.96
N GLU A 545 -14.42 -28.83 -10.03
CA GLU A 545 -15.74 -28.32 -10.38
C GLU A 545 -15.67 -26.86 -10.83
N ILE A 546 -14.88 -26.04 -10.14
CA ILE A 546 -14.74 -24.64 -10.53
C ILE A 546 -14.09 -24.53 -11.90
N LEU A 547 -13.08 -25.36 -12.17
CA LEU A 547 -12.42 -25.34 -13.48
C LEU A 547 -13.37 -25.76 -14.58
N LYS A 548 -14.20 -26.79 -14.33
CA LYS A 548 -15.20 -27.19 -15.32
C LYS A 548 -16.21 -26.07 -15.55
N TYR A 549 -16.62 -25.38 -14.48
CA TYR A 549 -17.53 -24.24 -14.63
C TYR A 549 -16.89 -23.14 -15.49
N LEU A 550 -15.61 -22.86 -15.26
CA LEU A 550 -14.93 -21.84 -16.05
C LEU A 550 -14.83 -22.24 -17.52
N GLU A 551 -14.55 -23.51 -17.79
CA GLU A 551 -14.51 -23.98 -19.17
C GLU A 551 -15.88 -23.86 -19.83
N GLU A 552 -16.94 -24.22 -19.12
CA GLU A 552 -18.29 -24.10 -19.66
C GLU A 552 -18.64 -22.64 -19.92
N LEU A 553 -18.24 -21.75 -19.02
CA LEU A 553 -18.49 -20.32 -19.20
C LEU A 553 -17.76 -19.78 -20.42
N LYS A 554 -16.50 -20.19 -20.60
CA LYS A 554 -15.76 -19.76 -21.79
C LYS A 554 -16.40 -20.28 -23.06
N GLU A 555 -16.84 -21.53 -23.06
CA GLU A 555 -17.52 -22.09 -24.23
C GLU A 555 -18.81 -21.34 -24.53
N LYS A 556 -19.58 -21.01 -23.49
CA LYS A 556 -20.82 -20.26 -23.70
C LYS A 556 -20.53 -18.86 -24.23
N ALA A 557 -19.48 -18.21 -23.72
CA ALA A 557 -19.13 -16.87 -24.17
C ALA A 557 -18.39 -16.86 -25.50
N LYS A 558 -18.02 -18.02 -26.04
CA LYS A 558 -17.39 -18.07 -27.35
C LYS A 558 -18.31 -17.53 -28.44
N GLU A 559 -19.61 -17.83 -28.34
CA GLU A 559 -20.56 -17.37 -29.35
C GLU A 559 -20.72 -15.86 -29.35
N GLY A 560 -20.37 -15.19 -28.26
CA GLY A 560 -20.34 -13.74 -28.23
C GLY A 560 -21.52 -13.07 -27.55
N GLU A 561 -22.26 -13.76 -26.70
CA GLU A 561 -23.41 -13.14 -26.04
C GLU A 561 -23.00 -12.45 -24.74
N LEU A 562 -22.32 -13.19 -23.85
CA LEU A 562 -21.93 -12.62 -22.56
C LEU A 562 -20.98 -11.44 -22.73
N ILE A 563 -20.01 -11.56 -23.64
CA ILE A 563 -19.10 -10.47 -23.91
C ILE A 563 -19.86 -9.27 -24.48
N ARG A 564 -20.88 -9.52 -25.31
CA ARG A 564 -21.68 -8.42 -25.84
C ARG A 564 -22.41 -7.68 -24.72
N GLU A 565 -23.01 -8.44 -23.78
CA GLU A 565 -23.71 -7.81 -22.68
C GLU A 565 -22.75 -7.00 -21.80
N LEU A 566 -21.57 -7.56 -21.53
CA LEU A 566 -20.59 -6.86 -20.70
C LEU A 566 -20.15 -5.56 -21.36
N LEU A 567 -19.86 -5.62 -22.67
CA LEU A 567 -19.44 -4.43 -23.38
C LEU A 567 -20.56 -3.40 -23.44
N LEU A 568 -21.80 -3.83 -23.61
CA LEU A 568 -22.93 -2.89 -23.61
C LEU A 568 -23.07 -2.21 -22.25
N LEU A 569 -22.89 -2.97 -21.16
CA LEU A 569 -22.94 -2.36 -19.84
C LEU A 569 -21.84 -1.32 -19.67
N TYR A 570 -20.61 -1.66 -20.10
CA TYR A 570 -19.51 -0.71 -19.98
C TYR A 570 -19.76 0.55 -20.80
N VAL A 571 -20.22 0.39 -22.03
CA VAL A 571 -20.48 1.54 -22.90
C VAL A 571 -21.60 2.40 -22.32
N ASP A 572 -22.66 1.77 -21.80
CA ASP A 572 -23.75 2.54 -21.20
C ASP A 572 -23.28 3.31 -19.98
N ARG A 573 -22.42 2.70 -19.15
CA ARG A 573 -21.89 3.43 -18.00
C ARG A 573 -21.04 4.61 -18.45
N GLN A 574 -20.21 4.42 -19.48
CA GLN A 574 -19.40 5.51 -19.99
C GLN A 574 -20.27 6.64 -20.51
N ILE A 575 -21.33 6.32 -21.25
CA ILE A 575 -22.22 7.33 -21.80
C ILE A 575 -22.93 8.08 -20.67
N ALA A 576 -23.38 7.36 -19.64
CA ALA A 576 -24.02 8.01 -18.50
C ALA A 576 -23.06 8.95 -17.79
N GLU A 577 -21.80 8.53 -17.61
CA GLU A 577 -20.81 9.40 -16.99
C GLU A 577 -20.56 10.65 -17.83
N LEU A 578 -20.45 10.49 -19.14
CA LEU A 578 -20.25 11.64 -20.01
C LEU A 578 -21.43 12.60 -19.95
N GLU A 579 -22.65 12.07 -19.95
CA GLU A 579 -23.83 12.93 -19.85
C GLU A 579 -23.87 13.67 -18.51
N GLU A 580 -23.51 12.97 -17.42
CA GLU A 580 -23.47 13.62 -16.12
C GLU A 580 -22.43 14.73 -16.08
N LYS A 581 -21.27 14.49 -16.68
CA LYS A 581 -20.24 15.53 -16.72
C LYS A 581 -20.69 16.72 -17.56
N VAL A 582 -21.35 16.46 -18.69
CA VAL A 582 -21.82 17.55 -19.54
C VAL A 582 -22.90 18.36 -18.85
N ALA A 583 -23.81 17.69 -18.11
CA ALA A 583 -24.89 18.39 -17.44
C ALA A 583 -24.38 19.40 -16.41
N ASN A 584 -23.16 19.22 -15.89
CA ASN A 584 -22.56 20.14 -14.93
C ASN A 584 -21.64 21.15 -15.59
N ALA A 585 -21.94 21.54 -16.83
CA ALA A 585 -21.12 22.53 -17.52
C ALA A 585 -21.25 23.92 -16.93
N ASP A 586 -22.37 24.22 -16.26
CA ASP A 586 -22.57 25.52 -15.64
C ASP A 586 -21.98 25.62 -14.25
N LYS A 587 -21.45 24.52 -13.70
CA LYS A 587 -20.87 24.48 -12.37
C LYS A 587 -19.36 24.28 -12.42
N ILE A 588 -18.71 24.93 -13.40
CA ILE A 588 -17.27 24.79 -13.56
C ILE A 588 -16.56 25.39 -12.34
N ASP A 589 -15.63 24.64 -11.78
CA ASP A 589 -14.88 25.11 -10.62
C ASP A 589 -14.03 26.31 -11.00
N PRO A 590 -14.10 27.42 -10.27
CA PRO A 590 -13.26 28.58 -10.59
C PRO A 590 -11.77 28.28 -10.62
N VAL A 591 -11.30 27.40 -9.74
CA VAL A 591 -9.88 27.06 -9.73
C VAL A 591 -9.49 26.32 -11.00
N VAL A 592 -10.33 25.38 -11.44
CA VAL A 592 -10.06 24.63 -12.67
C VAL A 592 -10.04 25.57 -13.87
N ALA A 593 -11.01 26.49 -13.94
CA ALA A 593 -11.05 27.46 -15.03
C ALA A 593 -9.83 28.36 -15.01
N ARG A 594 -9.42 28.80 -13.81
CA ARG A 594 -8.23 29.64 -13.70
C ARG A 594 -6.98 28.90 -14.15
N LEU A 595 -6.86 27.61 -13.78
CA LEU A 595 -5.73 26.81 -14.23
C LEU A 595 -5.73 26.65 -15.73
N ALA A 596 -6.90 26.40 -16.33
CA ALA A 596 -6.98 26.27 -17.78
C ALA A 596 -6.59 27.57 -18.47
N ILE A 597 -7.05 28.71 -17.94
CA ILE A 597 -6.70 30.00 -18.51
C ILE A 597 -5.20 30.23 -18.42
N GLU A 598 -4.60 29.91 -17.27
CA GLU A 598 -3.17 30.10 -17.09
C GLU A 598 -2.37 29.23 -18.05
N GLU A 599 -2.77 27.97 -18.21
CA GLU A 599 -2.06 27.09 -19.14
C GLU A 599 -2.22 27.55 -20.58
N ALA A 600 -3.42 28.02 -20.95
CA ALA A 600 -3.63 28.52 -22.30
C ALA A 600 -2.79 29.76 -22.58
N ARG A 601 -2.71 30.67 -21.60
CA ARG A 601 -1.98 31.91 -21.78
C ARG A 601 -0.48 31.76 -21.60
N ALA A 602 -0.03 30.64 -21.04
CA ALA A 602 1.39 30.41 -20.85
C ALA A 602 2.12 30.12 -22.15
N ARG A 603 1.40 29.89 -23.24
CA ARG A 603 2.02 29.61 -24.53
C ARG A 603 2.34 30.87 -25.33
N GLY A 604 2.07 32.05 -24.77
CA GLY A 604 2.33 33.30 -25.47
C GLY A 604 1.22 33.78 -26.37
N GLU A 605 0.08 33.08 -26.41
CA GLU A 605 -1.05 33.46 -27.24
C GLU A 605 -2.14 34.05 -26.36
N GLU A 606 -2.62 35.24 -26.73
CA GLU A 606 -3.69 35.90 -26.00
C GLU A 606 -5.02 35.40 -26.53
N LEU A 607 -5.47 34.26 -26.00
CA LEU A 607 -6.71 33.62 -26.43
C LEU A 607 -7.73 33.67 -25.31
N THR A 608 -8.97 34.02 -25.66
CA THR A 608 -10.04 34.07 -24.69
C THR A 608 -10.47 32.67 -24.27
N GLU A 609 -11.19 32.61 -23.16
CA GLU A 609 -11.70 31.34 -22.66
C GLU A 609 -12.74 30.72 -23.59
N ALA A 610 -13.36 31.53 -24.46
CA ALA A 610 -14.40 31.01 -25.35
C ALA A 610 -13.86 29.95 -26.29
N ASP A 611 -12.67 30.17 -26.86
CA ASP A 611 -12.08 29.20 -27.78
C ASP A 611 -11.79 27.89 -27.06
N VAL A 612 -11.23 27.96 -25.85
CA VAL A 612 -10.91 26.74 -25.10
C VAL A 612 -12.19 26.00 -24.74
N ILE A 613 -13.23 26.73 -24.32
CA ILE A 613 -14.50 26.08 -23.98
C ILE A 613 -15.10 25.42 -25.21
N GLU A 614 -15.06 26.09 -26.37
CA GLU A 614 -15.59 25.51 -27.59
C GLU A 614 -14.81 24.26 -27.98
N GLY A 615 -13.48 24.29 -27.85
CA GLY A 615 -12.70 23.11 -28.17
C GLY A 615 -13.00 21.94 -27.25
N THR A 616 -13.13 22.21 -25.95
CA THR A 616 -13.47 21.15 -25.01
C THR A 616 -14.86 20.57 -25.30
N ARG A 617 -15.83 21.44 -25.62
CA ARG A 617 -17.17 20.98 -25.93
C ARG A 617 -17.17 20.14 -27.21
N ALA A 618 -16.41 20.56 -28.22
CA ALA A 618 -16.32 19.79 -29.45
C ALA A 618 -15.68 18.43 -29.21
N GLY A 619 -14.62 18.39 -28.38
CA GLY A 619 -14.02 17.11 -28.05
C GLY A 619 -14.96 16.18 -27.33
N TYR A 620 -15.69 16.72 -26.34
CA TYR A 620 -16.66 15.91 -25.61
C TYR A 620 -17.76 15.41 -26.54
N GLN A 621 -18.24 16.27 -27.44
CA GLN A 621 -19.28 15.85 -28.38
C GLN A 621 -18.77 14.76 -29.32
N ALA A 622 -17.53 14.89 -29.80
CA ALA A 622 -16.97 13.86 -30.67
C ALA A 622 -16.83 12.54 -29.93
N ALA A 623 -16.36 12.58 -28.68
CA ALA A 623 -16.22 11.36 -27.90
C ALA A 623 -17.58 10.69 -27.67
N LEU A 624 -18.59 11.50 -27.31
CA LEU A 624 -19.92 10.95 -27.10
C LEU A 624 -20.50 10.37 -28.39
N ASP A 625 -20.27 11.05 -29.52
CA ASP A 625 -20.78 10.56 -30.79
C ASP A 625 -20.13 9.24 -31.18
N VAL A 626 -18.81 9.13 -31.01
CA VAL A 626 -18.15 7.87 -31.38
C VAL A 626 -18.55 6.75 -30.42
N LEU A 627 -18.75 7.08 -29.14
CA LEU A 627 -19.23 6.06 -28.19
C LEU A 627 -20.61 5.56 -28.58
N ARG A 628 -21.51 6.47 -28.96
CA ARG A 628 -22.84 6.04 -29.37
C ARG A 628 -22.80 5.29 -30.70
N ARG A 629 -21.87 5.63 -31.59
CA ARG A 629 -21.69 4.86 -32.81
C ARG A 629 -21.27 3.43 -32.48
N ILE A 630 -20.32 3.26 -31.55
CA ILE A 630 -19.91 1.93 -31.15
C ILE A 630 -21.07 1.18 -30.51
N LYS A 631 -21.84 1.86 -29.66
CA LYS A 631 -22.98 1.22 -29.01
C LYS A 631 -24.01 0.75 -30.04
N ALA A 632 -24.30 1.58 -31.03
CA ALA A 632 -25.23 1.19 -32.08
C ALA A 632 -24.68 0.04 -32.89
N GLU A 633 -23.37 0.02 -33.13
CA GLU A 633 -22.76 -1.08 -33.87
C GLU A 633 -22.88 -2.39 -33.11
N LEU A 634 -22.69 -2.35 -31.78
CA LEU A 634 -22.82 -3.57 -30.99
C LEU A 634 -24.24 -4.11 -31.02
N GLU A 635 -25.24 -3.22 -30.94
CA GLU A 635 -26.63 -3.65 -30.89
C GLU A 635 -27.11 -4.26 -32.21
N LYS A 636 -26.36 -4.12 -33.29
CA LYS A 636 -26.76 -4.69 -34.56
C LYS A 636 -26.69 -6.22 -34.51
N GLU A 637 -27.49 -6.85 -35.36
CA GLU A 637 -27.56 -8.30 -35.40
C GLU A 637 -26.25 -8.90 -35.89
N LYS A 638 -26.00 -10.13 -35.48
CA LYS A 638 -24.79 -10.83 -35.88
C LYS A 638 -24.79 -11.07 -37.39
N SER A 639 -23.65 -10.80 -38.03
CA SER A 639 -23.51 -10.98 -39.46
C SER A 639 -22.04 -11.14 -39.79
N PRO A 640 -21.70 -11.92 -40.82
CA PRO A 640 -20.28 -12.00 -41.23
C PRO A 640 -19.69 -10.68 -41.66
N GLU A 641 -20.52 -9.76 -42.15
CA GLU A 641 -20.06 -8.45 -42.61
C GLU A 641 -19.87 -7.46 -41.46
N ASN A 642 -20.21 -7.84 -40.24
CA ASN A 642 -20.07 -6.93 -39.10
C ASN A 642 -18.59 -6.70 -38.82
N PRO A 643 -18.12 -5.44 -38.86
CA PRO A 643 -16.69 -5.20 -38.60
C PRO A 643 -16.24 -5.59 -37.20
N PHE A 644 -17.12 -5.50 -36.20
CA PHE A 644 -16.73 -5.84 -34.84
C PHE A 644 -16.38 -7.31 -34.72
N TYR A 645 -17.16 -8.19 -35.38
CA TYR A 645 -16.86 -9.61 -35.33
C TYR A 645 -15.52 -9.92 -36.00
N GLN A 646 -15.24 -9.28 -37.13
CA GLN A 646 -13.95 -9.49 -37.78
C GLN A 646 -12.81 -8.98 -36.92
N PHE A 647 -12.99 -7.83 -36.27
CA PHE A 647 -11.95 -7.31 -35.38
C PHE A 647 -11.71 -8.24 -34.20
N TYR A 648 -12.78 -8.77 -33.61
CA TYR A 648 -12.64 -9.70 -32.50
C TYR A 648 -11.95 -10.99 -32.94
N ASP A 649 -12.31 -11.50 -34.13
CA ASP A 649 -11.67 -12.70 -34.64
C ASP A 649 -10.18 -12.47 -34.89
N LYS A 650 -9.82 -11.32 -35.46
CA LYS A 650 -8.42 -11.01 -35.69
C LYS A 650 -7.66 -10.90 -34.38
N LEU A 651 -8.26 -10.24 -33.38
CA LEU A 651 -7.60 -10.14 -32.07
C LEU A 651 -7.40 -11.52 -31.45
N THR A 652 -8.41 -12.39 -31.55
CA THR A 652 -8.28 -13.74 -31.02
C THR A 652 -7.19 -14.52 -31.73
N GLU A 653 -7.12 -14.38 -33.07
CA GLU A 653 -6.07 -15.07 -33.82
C GLU A 653 -4.68 -14.57 -33.42
N LYS A 654 -4.54 -13.25 -33.25
CA LYS A 654 -3.25 -12.70 -32.84
C LYS A 654 -2.86 -13.19 -31.44
N LEU A 655 -3.82 -13.24 -30.52
CA LEU A 655 -3.52 -13.77 -29.19
C LEU A 655 -3.14 -15.24 -29.25
N LYS A 656 -3.81 -16.02 -30.10
CA LYS A 656 -3.49 -17.43 -30.23
C LYS A 656 -2.09 -17.62 -30.80
N GLU A 657 -1.71 -16.83 -31.79
CA GLU A 657 -0.41 -17.00 -32.43
C GLU A 657 0.73 -16.42 -31.59
N LYS A 658 0.70 -15.11 -31.35
CA LYS A 658 1.78 -14.46 -30.61
C LYS A 658 1.69 -14.78 -29.12
N GLY A 659 0.56 -14.45 -28.50
CA GLY A 659 0.38 -14.67 -27.08
C GLY A 659 0.49 -13.42 -26.24
N PHE A 660 0.92 -12.30 -26.81
CA PHE A 660 1.04 -11.06 -26.05
C PHE A 660 0.93 -9.89 -27.01
N VAL A 661 -0.17 -9.14 -26.93
CA VAL A 661 -0.40 -7.97 -27.76
C VAL A 661 -0.61 -6.77 -26.85
N SER A 662 0.14 -5.70 -27.10
CA SER A 662 0.04 -4.52 -26.26
C SER A 662 -1.25 -3.76 -26.55
N GLU A 663 -1.60 -2.86 -25.63
CA GLU A 663 -2.80 -2.04 -25.81
C GLU A 663 -2.64 -1.12 -27.02
N GLU A 664 -1.44 -0.57 -27.22
CA GLU A 664 -1.22 0.31 -28.36
C GLU A 664 -1.41 -0.43 -29.68
N GLU A 665 -0.91 -1.66 -29.78
CA GLU A 665 -1.09 -2.44 -31.00
C GLU A 665 -2.56 -2.73 -31.26
N ALA A 666 -3.31 -3.08 -30.21
CA ALA A 666 -4.74 -3.34 -30.38
C ALA A 666 -5.47 -2.07 -30.82
N PHE A 667 -5.12 -0.93 -30.24
CA PHE A 667 -5.74 0.33 -30.65
C PHE A 667 -5.42 0.65 -32.11
N GLU A 668 -4.18 0.39 -32.54
CA GLU A 668 -3.82 0.60 -33.93
C GLU A 668 -4.62 -0.31 -34.85
N ILE A 669 -4.79 -1.58 -34.46
CA ILE A 669 -5.57 -2.51 -35.27
C ILE A 669 -7.02 -2.04 -35.37
N ALA A 670 -7.59 -1.60 -34.25
CA ALA A 670 -8.96 -1.12 -34.26
C ALA A 670 -9.11 0.11 -35.16
N ARG A 671 -8.17 1.04 -35.06
CA ARG A 671 -8.22 2.23 -35.90
C ARG A 671 -8.09 1.88 -37.38
N GLU A 672 -7.20 0.95 -37.71
CA GLU A 672 -7.04 0.54 -39.10
C GLU A 672 -8.30 -0.14 -39.62
N THR A 673 -8.91 -1.01 -38.82
CA THR A 673 -10.12 -1.70 -39.25
C THR A 673 -11.27 -0.71 -39.43
N PHE A 674 -11.43 0.24 -38.51
CA PHE A 674 -12.49 1.23 -38.63
C PHE A 674 -12.14 2.36 -39.58
N GLY A 675 -10.87 2.52 -39.92
CA GLY A 675 -10.46 3.58 -40.83
C GLY A 675 -10.66 4.99 -40.29
N PHE A 676 -10.41 5.19 -39.00
CA PHE A 676 -10.56 6.51 -38.41
C PHE A 676 -9.42 7.43 -38.86
N PRO A 677 -9.68 8.73 -38.95
CA PRO A 677 -8.61 9.67 -39.34
C PRO A 677 -7.54 9.75 -38.26
N ALA A 678 -6.31 10.06 -38.71
CA ALA A 678 -5.18 10.13 -37.79
C ALA A 678 -5.29 11.34 -36.86
N ASP A 679 -5.82 12.46 -37.34
CA ASP A 679 -5.89 13.69 -36.56
C ASP A 679 -7.20 13.79 -35.78
N LEU A 680 -7.51 12.75 -35.01
CA LEU A 680 -8.69 12.78 -34.16
C LEU A 680 -8.41 13.55 -32.87
N PRO A 681 -9.44 14.10 -32.24
CA PRO A 681 -9.24 14.75 -30.95
C PRO A 681 -8.76 13.74 -29.91
N PRO A 682 -7.99 14.19 -28.92
CA PRO A 682 -7.45 13.24 -27.93
C PRO A 682 -8.50 12.45 -27.19
N LEU A 683 -9.68 13.04 -26.94
CA LEU A 683 -10.71 12.36 -26.17
C LEU A 683 -11.23 11.12 -26.90
N ALA A 684 -11.48 11.24 -28.21
CA ALA A 684 -11.96 10.09 -28.97
C ALA A 684 -10.92 8.98 -29.00
N ALA A 685 -9.65 9.35 -29.19
CA ALA A 685 -8.58 8.35 -29.15
C ALA A 685 -8.50 7.67 -27.79
N ALA A 686 -8.66 8.45 -26.72
CA ALA A 686 -8.64 7.88 -25.37
C ALA A 686 -9.80 6.90 -25.18
N ALA A 687 -10.99 7.26 -25.65
CA ALA A 687 -12.14 6.36 -25.51
C ALA A 687 -11.94 5.07 -26.30
N LEU A 688 -11.43 5.19 -27.52
CA LEU A 688 -11.17 3.99 -28.32
C LEU A 688 -10.11 3.11 -27.66
N ARG A 689 -9.07 3.74 -27.11
CA ARG A 689 -8.04 2.98 -26.41
C ARG A 689 -8.61 2.27 -25.19
N ASP A 690 -9.51 2.93 -24.46
CA ASP A 690 -10.14 2.29 -23.30
C ASP A 690 -10.98 1.09 -23.73
N PHE A 691 -11.74 1.23 -24.82
CA PHE A 691 -12.53 0.10 -25.32
C PHE A 691 -11.64 -1.08 -25.70
N ALA A 692 -10.56 -0.79 -26.45
CA ALA A 692 -9.64 -1.85 -26.84
C ALA A 692 -8.98 -2.49 -25.63
N SER A 693 -8.62 -1.68 -24.62
CA SER A 693 -8.00 -2.22 -23.41
C SER A 693 -8.95 -3.13 -22.66
N THR A 694 -10.24 -2.75 -22.56
CA THR A 694 -11.21 -3.61 -21.90
C THR A 694 -11.36 -4.95 -22.63
N VAL A 695 -11.45 -4.90 -23.96
CA VAL A 695 -11.58 -6.15 -24.72
C VAL A 695 -10.35 -7.02 -24.50
N LEU A 696 -9.15 -6.42 -24.56
CA LEU A 696 -7.92 -7.17 -24.36
C LEU A 696 -7.86 -7.77 -22.97
N THR A 697 -8.32 -7.02 -21.96
CA THR A 697 -8.30 -7.52 -20.59
C THR A 697 -9.19 -8.74 -20.44
N ILE A 698 -10.40 -8.70 -21.01
CA ILE A 698 -11.29 -9.85 -20.90
C ILE A 698 -10.70 -11.06 -21.62
N LEU A 699 -10.15 -10.86 -22.82
CA LEU A 699 -9.53 -11.97 -23.53
C LEU A 699 -8.36 -12.56 -22.75
N GLU A 700 -7.55 -11.70 -22.14
CA GLU A 700 -6.43 -12.18 -21.33
C GLU A 700 -6.91 -12.95 -20.10
N ILE A 701 -8.01 -12.52 -19.49
CA ILE A 701 -8.56 -13.25 -18.35
C ILE A 701 -8.98 -14.65 -18.77
N PHE A 702 -9.66 -14.77 -19.91
CA PHE A 702 -10.05 -16.09 -20.39
C PHE A 702 -8.83 -16.97 -20.68
N LYS A 703 -7.83 -16.39 -21.34
CA LYS A 703 -6.61 -17.16 -21.66
C LYS A 703 -5.89 -17.61 -20.39
N THR A 704 -5.82 -16.73 -19.39
CA THR A 704 -5.20 -17.09 -18.12
C THR A 704 -5.95 -18.23 -17.44
N ALA A 705 -7.28 -18.19 -17.48
CA ALA A 705 -8.06 -19.27 -16.89
C ALA A 705 -7.75 -20.59 -17.57
N GLU A 706 -7.71 -20.59 -18.91
CA GLU A 706 -7.41 -21.84 -19.62
C GLU A 706 -6.01 -22.37 -19.29
N ASP A 707 -5.02 -21.47 -19.29
CA ASP A 707 -3.65 -21.89 -19.00
C ASP A 707 -3.52 -22.43 -17.58
N PHE A 708 -4.18 -21.78 -16.62
CA PHE A 708 -4.12 -22.26 -15.24
C PHE A 708 -4.79 -23.63 -15.11
N SER A 709 -5.92 -23.83 -15.78
CA SER A 709 -6.56 -25.13 -15.74
C SER A 709 -5.62 -26.22 -16.24
N LYS A 710 -5.00 -25.99 -17.40
CA LYS A 710 -4.09 -26.99 -17.96
C LYS A 710 -2.90 -27.26 -17.04
N TRP A 711 -2.25 -26.19 -16.57
CA TRP A 711 -1.06 -26.36 -15.75
C TRP A 711 -1.37 -27.05 -14.43
N TYR A 712 -2.49 -26.68 -13.78
CA TYR A 712 -2.85 -27.33 -12.53
C TYR A 712 -3.15 -28.80 -12.75
N LYS A 713 -3.94 -29.11 -13.79
CA LYS A 713 -4.25 -30.51 -14.07
C LYS A 713 -3.00 -31.32 -14.35
N GLU A 714 -1.94 -30.68 -14.85
CA GLU A 714 -0.71 -31.42 -15.11
C GLU A 714 0.25 -31.49 -13.92
N ASN A 715 0.23 -30.51 -13.00
CA ASN A 715 1.24 -30.44 -11.96
C ASN A 715 0.67 -30.46 -10.53
N LYS A 716 -0.56 -30.93 -10.35
CA LYS A 716 -1.11 -31.06 -9.01
C LYS A 716 -0.25 -31.93 -8.11
N GLU A 717 0.17 -33.10 -8.59
CA GLU A 717 0.93 -34.02 -7.76
C GLU A 717 2.29 -33.43 -7.38
N LYS A 718 2.96 -32.77 -8.33
CA LYS A 718 4.24 -32.15 -8.04
C LYS A 718 4.08 -31.03 -7.03
N LEU A 719 3.01 -30.25 -7.13
CA LEU A 719 2.77 -29.20 -6.13
C LEU A 719 2.55 -29.80 -4.75
N ILE A 720 1.77 -30.87 -4.66
CA ILE A 720 1.57 -31.54 -3.37
C ILE A 720 2.90 -32.02 -2.80
N GLU A 721 3.74 -32.62 -3.64
CA GLU A 721 5.00 -33.17 -3.15
C GLU A 721 5.97 -32.10 -2.71
N LEU A 722 6.06 -31.00 -3.46
CA LEU A 722 7.12 -30.01 -3.20
C LEU A 722 6.70 -28.94 -2.20
N ALA A 723 5.49 -28.41 -2.30
CA ALA A 723 5.10 -27.30 -1.42
C ALA A 723 4.85 -27.73 0.02
N GLY A 724 4.83 -29.03 0.31
CA GLY A 724 4.48 -29.49 1.63
C GLY A 724 3.04 -29.21 2.00
N LEU A 725 2.13 -29.30 1.03
CA LEU A 725 0.71 -29.06 1.25
C LEU A 725 -0.05 -30.38 1.16
N SER A 726 -1.06 -30.53 2.00
CA SER A 726 -2.01 -31.63 1.86
C SER A 726 -3.04 -31.27 0.80
N GLU A 727 -3.96 -32.20 0.54
CA GLU A 727 -4.98 -31.94 -0.48
C GLU A 727 -5.85 -30.75 -0.12
N GLU A 728 -6.27 -30.66 1.14
CA GLU A 728 -7.19 -29.60 1.56
C GLU A 728 -6.54 -28.22 1.40
N GLU A 729 -5.27 -28.09 1.77
CA GLU A 729 -4.63 -26.78 1.73
C GLU A 729 -4.48 -26.27 0.30
N LEU A 730 -3.95 -27.09 -0.60
CA LEU A 730 -3.80 -26.67 -1.98
C LEU A 730 -5.15 -26.45 -2.63
N ASP A 731 -6.14 -27.28 -2.29
CA ASP A 731 -7.49 -27.08 -2.82
C ASP A 731 -8.04 -25.73 -2.39
N LYS A 732 -7.82 -25.36 -1.12
CA LYS A 732 -8.29 -24.07 -0.63
C LYS A 732 -7.58 -22.91 -1.34
N ILE A 733 -6.27 -23.03 -1.54
CA ILE A 733 -5.52 -21.97 -2.21
C ILE A 733 -6.04 -21.78 -3.64
N VAL A 734 -6.24 -22.89 -4.36
CA VAL A 734 -6.72 -22.81 -5.73
C VAL A 734 -8.15 -22.28 -5.75
N ARG A 735 -8.96 -22.63 -4.75
CA ARG A 735 -10.32 -22.07 -4.67
C ARG A 735 -10.28 -20.56 -4.53
N LYS A 736 -9.41 -20.04 -3.67
CA LYS A 736 -9.30 -18.60 -3.52
C LYS A 736 -8.86 -17.93 -4.81
N THR A 737 -7.84 -18.51 -5.47
CA THR A 737 -7.36 -17.94 -6.72
C THR A 737 -8.45 -17.91 -7.79
N LEU A 738 -9.19 -19.00 -7.94
CA LEU A 738 -10.21 -19.07 -8.98
C LEU A 738 -11.40 -18.19 -8.66
N THR A 739 -11.76 -18.04 -7.38
CA THR A 739 -12.81 -17.09 -7.02
C THR A 739 -12.38 -15.66 -7.34
N LEU A 740 -11.13 -15.32 -7.07
CA LEU A 740 -10.64 -13.99 -7.44
C LEU A 740 -10.68 -13.79 -8.95
N LEU A 741 -10.33 -14.83 -9.71
CA LEU A 741 -10.38 -14.72 -11.17
C LEU A 741 -11.81 -14.51 -11.66
N LEU A 742 -12.77 -15.25 -11.10
CA LEU A 742 -14.17 -15.06 -11.49
C LEU A 742 -14.65 -13.66 -11.15
N GLU A 743 -14.26 -13.15 -9.97
CA GLU A 743 -14.63 -11.79 -9.60
C GLU A 743 -14.05 -10.77 -10.56
N ALA A 744 -12.79 -10.97 -10.97
CA ALA A 744 -12.17 -10.06 -11.94
C ALA A 744 -12.91 -10.09 -13.28
N LEU A 745 -13.26 -11.28 -13.75
CA LEU A 745 -13.98 -11.39 -15.01
C LEU A 745 -15.35 -10.71 -14.93
N ALA A 746 -16.01 -10.82 -13.78
CA ALA A 746 -17.31 -10.17 -13.62
C ALA A 746 -17.18 -8.66 -13.49
N ARG A 747 -16.13 -8.17 -12.85
CA ARG A 747 -15.95 -6.75 -12.60
C ARG A 747 -15.14 -6.04 -13.67
N SER A 748 -14.74 -6.73 -14.74
CA SER A 748 -13.99 -6.07 -15.81
C SER A 748 -14.79 -4.97 -16.52
N VAL A 749 -16.11 -4.93 -16.33
CA VAL A 749 -16.90 -3.88 -16.98
C VAL A 749 -16.60 -2.50 -16.40
N PHE A 750 -15.89 -2.42 -15.29
CA PHE A 750 -15.52 -1.14 -14.69
C PHE A 750 -14.24 -0.57 -15.29
N GLY A 751 -13.62 -1.27 -16.24
CA GLY A 751 -12.40 -0.78 -16.86
C GLY A 751 -11.30 -1.82 -16.86
N SER A 752 -10.24 -1.57 -17.64
CA SER A 752 -9.13 -2.51 -17.69
C SER A 752 -8.29 -2.46 -16.43
N LYS A 753 -8.23 -1.29 -15.77
CA LYS A 753 -7.40 -1.14 -14.58
C LYS A 753 -7.81 -2.11 -13.49
N LEU A 754 -9.11 -2.19 -13.19
CA LEU A 754 -9.58 -3.06 -12.12
C LEU A 754 -9.35 -4.53 -12.46
N GLY A 755 -9.59 -4.92 -13.71
CA GLY A 755 -9.36 -6.30 -14.11
C GLY A 755 -7.90 -6.69 -13.99
N ARG A 756 -7.00 -5.84 -14.48
CA ARG A 756 -5.58 -6.13 -14.37
C ARG A 756 -5.14 -6.19 -12.91
N GLU A 757 -5.63 -5.27 -12.09
CA GLU A 757 -5.30 -5.29 -10.66
C GLU A 757 -5.72 -6.59 -10.01
N LEU A 758 -6.95 -7.04 -10.28
CA LEU A 758 -7.44 -8.26 -9.64
C LEU A 758 -6.71 -9.49 -10.14
N LEU A 759 -6.41 -9.55 -11.44
CA LEU A 759 -5.67 -10.69 -11.99
C LEU A 759 -4.27 -10.78 -11.37
N ASN A 760 -3.57 -9.63 -11.30
CA ASN A 760 -2.25 -9.63 -10.68
C ASN A 760 -2.32 -10.01 -9.21
N GLU A 761 -3.36 -9.53 -8.51
CA GLU A 761 -3.54 -9.88 -7.11
C GLU A 761 -3.72 -11.38 -6.94
N ALA A 762 -4.52 -12.00 -7.80
CA ALA A 762 -4.75 -13.45 -7.70
C ALA A 762 -3.46 -14.21 -7.90
N LEU A 763 -2.71 -13.89 -8.96
CA LEU A 763 -1.47 -14.61 -9.22
C LEU A 763 -0.46 -14.42 -8.10
N GLY A 764 -0.32 -13.18 -7.61
CA GLY A 764 0.61 -12.93 -6.52
C GLY A 764 0.22 -13.64 -5.25
N THR A 765 -1.07 -13.69 -4.93
CA THR A 765 -1.52 -14.42 -3.74
C THR A 765 -1.20 -15.90 -3.86
N PHE A 766 -1.44 -16.49 -5.04
CA PHE A 766 -1.09 -17.90 -5.24
C PHE A 766 0.39 -18.14 -4.97
N ILE A 767 1.26 -17.35 -5.60
CA ILE A 767 2.70 -17.55 -5.43
C ILE A 767 3.11 -17.34 -3.98
N LYS A 768 2.56 -16.32 -3.33
CA LYS A 768 2.92 -16.01 -1.95
C LYS A 768 2.54 -17.15 -1.01
N GLU A 769 1.32 -17.69 -1.17
CA GLU A 769 0.91 -18.80 -0.31
C GLU A 769 1.79 -20.01 -0.52
N LEU A 770 2.10 -20.33 -1.78
CA LEU A 770 2.97 -21.49 -2.04
C LEU A 770 4.35 -21.31 -1.39
N LEU A 771 4.94 -20.12 -1.54
CA LEU A 771 6.27 -19.89 -0.98
C LEU A 771 6.25 -19.94 0.54
N GLU A 772 5.25 -19.32 1.16
CA GLU A 772 5.16 -19.32 2.62
C GLU A 772 5.01 -20.73 3.15
N SER A 773 4.16 -21.54 2.51
CA SER A 773 4.02 -22.93 2.92
C SER A 773 5.34 -23.68 2.78
N PHE A 774 6.05 -23.48 1.67
CA PHE A 774 7.31 -24.18 1.49
C PHE A 774 8.31 -23.84 2.58
N PHE A 775 8.45 -22.55 2.89
CA PHE A 775 9.41 -22.15 3.91
C PHE A 775 9.03 -22.70 5.27
N ARG A 776 7.77 -22.49 5.68
CA ARG A 776 7.33 -22.95 7.00
C ARG A 776 7.44 -24.46 7.13
N THR A 777 7.28 -25.20 6.05
CA THR A 777 7.34 -26.65 6.13
C THR A 777 8.78 -27.15 6.14
N HIS A 778 9.57 -26.79 5.14
CA HIS A 778 10.89 -27.38 4.98
C HIS A 778 11.95 -26.75 5.87
N TYR A 779 11.69 -25.60 6.50
CA TYR A 779 12.67 -25.01 7.39
C TYR A 779 12.21 -24.89 8.84
N GLY A 780 10.92 -25.08 9.12
CA GLY A 780 10.45 -24.96 10.48
C GLY A 780 10.51 -23.57 11.06
N LEU A 781 10.58 -22.55 10.22
CA LEU A 781 10.67 -21.18 10.70
C LEU A 781 9.37 -20.75 11.37
N THR A 782 9.49 -19.80 12.30
CA THR A 782 8.33 -19.20 12.93
C THR A 782 7.54 -18.41 11.88
N ARG A 783 6.24 -18.26 12.13
CA ARG A 783 5.35 -17.63 11.17
C ARG A 783 5.74 -16.19 10.86
N GLY A 784 6.52 -15.55 11.73
CA GLY A 784 6.92 -14.18 11.49
C GLY A 784 8.34 -14.00 10.98
N ASP A 785 9.10 -15.08 10.90
CA ASP A 785 10.49 -14.98 10.45
C ASP A 785 10.58 -14.64 8.97
N ALA A 786 9.83 -15.35 8.13
CA ALA A 786 9.82 -15.14 6.69
C ALA A 786 8.51 -14.48 6.31
N VAL A 787 8.59 -13.28 5.75
CA VAL A 787 7.41 -12.49 5.40
C VAL A 787 7.43 -12.17 3.92
N ILE A 788 6.25 -12.06 3.33
CA ILE A 788 6.08 -11.78 1.91
C ILE A 788 5.31 -10.48 1.77
N ASP A 789 5.85 -9.55 0.99
CA ASP A 789 5.21 -8.27 0.73
C ASP A 789 4.83 -8.20 -0.75
N PHE A 790 3.57 -7.89 -1.02
CA PHE A 790 3.05 -7.83 -2.38
C PHE A 790 2.24 -6.54 -2.55
N ASP A 791 2.49 -5.84 -3.65
CA ASP A 791 1.75 -4.63 -4.00
C ASP A 791 0.90 -4.94 -5.23
N ALA A 792 -0.42 -4.76 -5.11
CA ALA A 792 -1.32 -5.09 -6.20
C ALA A 792 -1.26 -4.07 -7.33
N LYS A 793 -1.00 -2.80 -7.00
CA LYS A 793 -1.00 -1.76 -8.04
C LYS A 793 0.14 -1.96 -9.03
N THR A 794 1.33 -2.31 -8.55
CA THR A 794 2.49 -2.47 -9.40
C THR A 794 2.84 -3.93 -9.70
N GLY A 795 2.27 -4.88 -8.97
CA GLY A 795 2.59 -6.29 -9.20
C GLY A 795 4.02 -6.65 -8.92
N ILE A 796 4.57 -6.17 -7.81
CA ILE A 796 5.96 -6.42 -7.42
C ILE A 796 5.95 -7.27 -6.16
N LEU A 797 6.72 -8.36 -6.18
CA LEU A 797 6.76 -9.32 -5.10
C LEU A 797 8.17 -9.39 -4.54
N SER A 798 8.28 -9.38 -3.20
CA SER A 798 9.58 -9.26 -2.54
C SER A 798 9.81 -10.44 -1.60
N LEU A 799 10.89 -10.35 -0.83
CA LEU A 799 11.31 -11.39 0.09
C LEU A 799 12.15 -10.77 1.20
N ARG A 800 11.83 -11.09 2.45
CA ARG A 800 12.61 -10.60 3.58
C ARG A 800 12.89 -11.74 4.56
N PHE A 801 13.99 -11.59 5.30
CA PHE A 801 14.36 -12.54 6.34
C PHE A 801 14.96 -11.77 7.51
N THR A 802 14.58 -12.15 8.73
CA THR A 802 15.24 -11.62 9.90
C THR A 802 16.65 -12.21 10.00
N PRO A 803 17.60 -11.48 10.60
CA PRO A 803 18.99 -11.98 10.63
C PRO A 803 19.14 -13.36 11.24
N ARG A 804 18.41 -13.64 12.32
CA ARG A 804 18.45 -14.97 12.91
C ARG A 804 17.92 -16.01 11.93
N ALA A 805 16.79 -15.71 11.29
CA ALA A 805 16.23 -16.65 10.32
C ALA A 805 17.15 -16.84 9.12
N TYR A 806 17.78 -15.76 8.66
CA TYR A 806 18.70 -15.88 7.52
C TYR A 806 19.91 -16.75 7.88
N ALA A 807 20.49 -16.54 9.05
CA ALA A 807 21.63 -17.35 9.46
C ALA A 807 21.23 -18.81 9.64
N ARG A 808 20.06 -19.05 10.24
CA ARG A 808 19.59 -20.43 10.41
C ARG A 808 19.32 -21.10 9.07
N ILE A 809 18.76 -20.36 8.11
CA ILE A 809 18.52 -20.91 6.78
C ILE A 809 19.83 -21.30 6.14
N ARG A 810 20.84 -20.43 6.24
CA ARG A 810 22.15 -20.76 5.65
C ARG A 810 22.77 -21.97 6.32
N VAL A 811 22.66 -22.07 7.64
CA VAL A 811 23.22 -23.24 8.34
C VAL A 811 22.52 -24.52 7.90
N LYS A 812 21.18 -24.49 7.83
CA LYS A 812 20.45 -25.69 7.40
C LYS A 812 20.79 -26.07 5.97
N GLU A 813 20.92 -25.08 5.08
CA GLU A 813 21.26 -25.40 3.70
C GLU A 813 22.67 -25.96 3.60
N TYR A 814 23.60 -25.45 4.41
CA TYR A 814 24.95 -26.01 4.43
C TYR A 814 24.95 -27.45 4.94
N ARG A 815 24.12 -27.75 5.95
CA ARG A 815 24.05 -29.11 6.47
C ARG A 815 23.45 -30.07 5.44
N ASP A 816 22.58 -29.57 4.55
CA ASP A 816 21.95 -30.42 3.54
C ASP A 816 21.54 -29.60 2.32
N PRO A 817 22.15 -29.83 1.15
CA PRO A 817 21.77 -29.07 -0.05
C PRO A 817 20.42 -29.47 -0.64
N SER A 818 19.81 -30.56 -0.14
CA SER A 818 18.53 -31.01 -0.69
C SER A 818 17.45 -29.95 -0.54
N LEU A 819 17.54 -29.11 0.50
CA LEU A 819 16.59 -28.01 0.64
C LEU A 819 16.73 -27.01 -0.51
N GLY A 820 17.96 -26.67 -0.88
CA GLY A 820 18.15 -25.80 -2.03
C GLY A 820 17.66 -26.44 -3.31
N GLU A 821 17.92 -27.74 -3.48
CA GLU A 821 17.41 -28.43 -4.66
C GLU A 821 15.90 -28.41 -4.71
N LYS A 822 15.24 -28.61 -3.57
CA LYS A 822 13.78 -28.58 -3.52
C LYS A 822 13.24 -27.19 -3.84
N PHE A 823 13.89 -26.14 -3.32
CA PHE A 823 13.45 -24.79 -3.65
C PHE A 823 13.59 -24.50 -5.14
N ASP A 824 14.71 -24.94 -5.73
CA ASP A 824 14.89 -24.74 -7.17
C ASP A 824 13.83 -25.50 -7.97
N ASN A 825 13.52 -26.73 -7.55
CA ASN A 825 12.49 -27.50 -8.25
C ASN A 825 11.13 -26.84 -8.15
N LEU A 826 10.78 -26.32 -6.96
CA LEU A 826 9.51 -25.63 -6.80
C LEU A 826 9.45 -24.39 -7.69
N LEU A 827 10.53 -23.62 -7.74
CA LEU A 827 10.53 -22.42 -8.57
C LEU A 827 10.41 -22.77 -10.04
N ASP A 828 11.07 -23.84 -10.49
CA ASP A 828 10.93 -24.27 -11.88
C ASP A 828 9.51 -24.71 -12.19
N VAL A 829 8.89 -25.48 -11.28
CA VAL A 829 7.53 -25.93 -11.50
C VAL A 829 6.58 -24.75 -11.59
N LEU A 830 6.75 -23.76 -10.72
CA LEU A 830 5.92 -22.56 -10.79
C LEU A 830 6.17 -21.80 -12.09
N SER A 831 7.42 -21.73 -12.53
CA SER A 831 7.75 -21.01 -13.75
C SER A 831 7.28 -21.74 -15.01
N SER A 832 6.93 -23.02 -14.89
CA SER A 832 6.38 -23.72 -16.06
C SER A 832 5.07 -23.11 -16.52
N ASN A 833 4.35 -22.44 -15.63
CA ASN A 833 3.13 -21.75 -16.00
C ASN A 833 3.48 -20.52 -16.84
N PRO A 834 2.91 -20.35 -18.03
CA PRO A 834 3.23 -19.16 -18.83
C PRO A 834 2.82 -17.85 -18.20
N SER A 835 1.87 -17.86 -17.26
CA SER A 835 1.34 -16.64 -16.67
C SER A 835 2.07 -16.21 -15.40
N LEU A 836 3.09 -16.95 -14.98
CA LEU A 836 3.84 -16.64 -13.77
C LEU A 836 5.33 -16.42 -14.03
N LYS A 837 5.76 -16.48 -15.29
CA LYS A 837 7.19 -16.53 -15.60
C LYS A 837 7.90 -15.25 -15.18
N GLY A 838 7.31 -14.09 -15.47
CA GLY A 838 7.98 -12.83 -15.15
C GLY A 838 8.16 -12.63 -13.66
N GLN A 839 7.11 -12.85 -12.88
CA GLN A 839 7.21 -12.71 -11.44
C GLN A 839 8.17 -13.73 -10.86
N VAL A 840 8.16 -14.96 -11.36
CA VAL A 840 9.09 -15.97 -10.86
C VAL A 840 10.53 -15.58 -11.15
N ASP A 841 10.79 -15.06 -12.35
CA ASP A 841 12.16 -14.64 -12.69
C ASP A 841 12.62 -13.48 -11.81
N ARG A 842 11.73 -12.50 -11.58
CA ARG A 842 12.09 -11.38 -10.72
C ARG A 842 12.37 -11.85 -9.30
N LEU A 843 11.55 -12.78 -8.80
CA LEU A 843 11.80 -13.35 -7.48
C LEU A 843 13.12 -14.12 -7.44
N ARG A 844 13.44 -14.82 -8.53
CA ARG A 844 14.71 -15.52 -8.60
C ARG A 844 15.88 -14.55 -8.47
N VAL A 845 15.82 -13.43 -9.18
CA VAL A 845 16.89 -12.43 -9.10
C VAL A 845 16.98 -11.87 -7.68
N SER A 846 15.82 -11.53 -7.10
CA SER A 846 15.82 -10.93 -5.76
C SER A 846 16.37 -11.91 -4.72
N TYR A 847 16.02 -13.19 -4.82
CA TYR A 847 16.55 -14.17 -3.89
C TYR A 847 18.05 -14.40 -4.11
N ALA A 848 18.49 -14.38 -5.37
CA ALA A 848 19.90 -14.61 -5.65
C ALA A 848 20.77 -13.47 -5.12
N PHE A 849 20.25 -12.24 -5.12
CA PHE A 849 21.06 -11.10 -4.67
C PHE A 849 20.70 -10.61 -3.27
N GLY A 850 19.51 -10.93 -2.77
CA GLY A 850 19.14 -10.57 -1.41
C GLY A 850 18.71 -9.14 -1.21
N THR A 851 18.64 -8.33 -2.27
CA THR A 851 18.21 -6.95 -2.17
C THR A 851 17.08 -6.70 -3.16
N PRO A 852 16.19 -5.75 -2.85
CA PRO A 852 15.09 -5.46 -3.76
C PRO A 852 15.60 -5.01 -5.13
N VAL A 853 14.87 -5.43 -6.17
CA VAL A 853 15.25 -5.08 -7.54
C VAL A 853 15.12 -3.59 -7.81
N GLY A 854 14.12 -2.93 -7.21
CA GLY A 854 13.92 -1.51 -7.46
C GLY A 854 15.08 -0.64 -7.03
N THR A 855 15.75 -1.01 -5.93
CA THR A 855 16.87 -0.21 -5.43
C THR A 855 18.06 -0.21 -6.36
N THR A 856 18.20 -1.22 -7.23
CA THR A 856 19.32 -1.30 -8.17
C THR A 856 18.80 -1.24 -9.60
N PRO A 857 18.99 -0.13 -10.31
CA PRO A 857 18.51 -0.06 -11.70
C PRO A 857 19.19 -1.03 -12.63
N ALA A 858 20.38 -1.55 -12.28
CA ALA A 858 21.07 -2.48 -13.16
C ALA A 858 20.36 -3.82 -13.26
N LEU A 859 19.68 -4.24 -12.20
CA LEU A 859 19.02 -5.54 -12.16
C LEU A 859 17.55 -5.47 -12.54
N ARG A 860 17.05 -4.29 -12.94
CA ARG A 860 15.64 -4.17 -13.29
C ARG A 860 15.30 -5.00 -14.51
N ASP A 861 16.15 -4.99 -15.52
CA ASP A 861 15.91 -5.71 -16.76
C ASP A 861 16.48 -7.13 -16.76
N ALA A 862 17.20 -7.51 -15.70
CA ALA A 862 17.84 -8.82 -15.67
C ALA A 862 16.81 -9.91 -15.36
N THR A 863 16.83 -10.97 -16.16
CA THR A 863 15.98 -12.12 -15.95
C THR A 863 16.80 -13.26 -15.35
N ALA A 864 16.16 -14.41 -15.17
CA ALA A 864 16.85 -15.59 -14.65
C ALA A 864 17.91 -16.10 -15.62
N GLU A 865 17.77 -15.83 -16.91
CA GLU A 865 18.77 -16.24 -17.89
C GLU A 865 20.00 -15.36 -17.85
N ASP A 866 19.83 -14.06 -17.55
CA ASP A 866 20.96 -13.13 -17.55
C ASP A 866 22.01 -13.48 -16.51
N LEU A 867 21.64 -14.19 -15.45
CA LEU A 867 22.61 -14.60 -14.44
C LEU A 867 23.60 -15.63 -14.96
N GLU A 868 23.33 -16.26 -16.10
CA GLU A 868 24.22 -17.25 -16.68
C GLU A 868 24.99 -16.73 -17.88
N THR A 869 24.73 -15.50 -18.31
CA THR A 869 25.38 -14.94 -19.49
C THR A 869 26.44 -13.90 -19.15
N ASP A 870 26.15 -12.99 -18.22
CA ASP A 870 27.09 -11.94 -17.88
C ASP A 870 28.12 -12.47 -16.89
N PRO A 871 29.40 -12.48 -17.25
CA PRO A 871 30.42 -13.00 -16.30
C PRO A 871 30.49 -12.21 -15.00
N ARG A 872 30.26 -10.90 -15.05
CA ARG A 872 30.36 -10.07 -13.85
C ARG A 872 29.28 -10.45 -12.83
N LEU A 873 28.06 -10.67 -13.29
CA LEU A 873 26.97 -11.04 -12.40
C LEU A 873 27.24 -12.39 -11.73
N LYS A 874 27.73 -13.36 -12.51
CA LYS A 874 28.05 -14.66 -11.96
C LYS A 874 29.22 -14.56 -10.98
N ARG A 875 30.20 -13.69 -11.26
CA ARG A 875 31.31 -13.49 -10.34
C ARG A 875 30.81 -12.93 -9.01
N HIS A 876 29.92 -11.94 -9.05
CA HIS A 876 29.36 -11.39 -7.83
C HIS A 876 28.59 -12.45 -7.05
N ARG A 877 27.79 -13.26 -7.76
CA ARG A 877 27.03 -14.31 -7.10
C ARG A 877 27.93 -15.33 -6.44
N ASP A 878 29.02 -15.72 -7.12
CA ASP A 878 29.97 -16.66 -6.55
C ASP A 878 30.67 -16.08 -5.33
N PHE A 879 31.03 -14.80 -5.37
CA PHE A 879 31.60 -14.15 -4.20
C PHE A 879 30.67 -14.23 -3.00
N ILE A 880 29.40 -13.85 -3.20
CA ILE A 880 28.44 -13.87 -2.10
C ILE A 880 28.26 -15.29 -1.57
N GLU A 881 28.15 -16.26 -2.48
CA GLU A 881 27.96 -17.65 -2.05
C GLU A 881 29.14 -18.14 -1.24
N GLU A 882 30.37 -17.83 -1.68
CA GLU A 882 31.55 -18.28 -0.95
C GLU A 882 31.61 -17.68 0.45
N VAL A 883 31.34 -16.37 0.56
CA VAL A 883 31.39 -15.74 1.88
C VAL A 883 30.32 -16.32 2.81
N GLU A 884 29.10 -16.52 2.27
CA GLU A 884 28.03 -17.06 3.10
C GLU A 884 28.33 -18.49 3.54
N ASN A 885 28.93 -19.30 2.66
CA ASN A 885 29.32 -20.65 3.05
C ASN A 885 30.39 -20.63 4.14
N LEU A 886 31.34 -19.69 4.04
CA LEU A 886 32.36 -19.58 5.08
C LEU A 886 31.74 -19.25 6.44
N TYR A 887 30.80 -18.30 6.47
CA TYR A 887 30.15 -17.99 7.75
C TYR A 887 29.31 -19.16 8.26
N ALA A 888 28.65 -19.89 7.36
CA ALA A 888 27.90 -21.07 7.81
C ALA A 888 28.81 -22.10 8.45
N GLU A 889 29.97 -22.34 7.84
CA GLU A 889 30.94 -23.27 8.41
C GLU A 889 31.41 -22.79 9.77
N LEU A 890 31.70 -21.50 9.90
CA LEU A 890 32.13 -20.96 11.19
C LEU A 890 31.06 -21.14 12.24
N LEU A 891 29.80 -20.89 11.90
CA LEU A 891 28.71 -21.02 12.85
C LEU A 891 28.56 -22.47 13.32
N ILE A 892 28.63 -23.41 12.38
CA ILE A 892 28.49 -24.82 12.76
C ILE A 892 29.66 -25.25 13.65
N ARG A 893 30.88 -24.84 13.31
CA ARG A 893 32.03 -25.22 14.11
C ARG A 893 31.94 -24.65 15.52
N LEU A 894 31.53 -23.38 15.65
CA LEU A 894 31.39 -22.79 16.98
C LEU A 894 30.25 -23.44 17.76
N GLU A 895 29.17 -23.82 17.09
CA GLU A 895 28.10 -24.53 17.78
C GLU A 895 28.58 -25.87 18.31
N GLU A 896 29.39 -26.57 17.52
CA GLU A 896 29.95 -27.84 17.98
C GLU A 896 30.88 -27.64 19.17
N ALA A 897 31.70 -26.58 19.12
CA ALA A 897 32.66 -26.36 20.20
C ALA A 897 32.02 -25.87 21.49
N LEU A 898 30.77 -25.42 21.45
CA LEU A 898 30.08 -24.88 22.62
C LEU A 898 28.74 -25.59 22.81
N LYS A 899 28.76 -26.92 22.76
CA LYS A 899 27.55 -27.71 22.87
C LYS A 899 26.86 -27.57 24.22
N ASP A 900 27.57 -27.06 25.24
CA ASP A 900 27.00 -26.94 26.57
C ASP A 900 26.20 -25.65 26.77
N GLU A 901 26.28 -24.70 25.83
CA GLU A 901 25.65 -23.39 25.99
C GLU A 901 24.80 -23.07 24.76
N PRO A 902 23.55 -23.51 24.73
CA PRO A 902 22.67 -23.12 23.62
C PRO A 902 22.45 -21.62 23.51
N GLU A 903 22.42 -20.91 24.64
CA GLU A 903 22.24 -19.46 24.58
C GLU A 903 23.40 -18.78 23.87
N THR A 904 24.62 -19.24 24.13
CA THR A 904 25.79 -18.64 23.51
C THR A 904 25.76 -18.81 21.99
N VAL A 905 25.43 -20.02 21.51
CA VAL A 905 25.40 -20.24 20.08
C VAL A 905 24.22 -19.49 19.45
N GLU A 906 23.11 -19.36 20.17
CA GLU A 906 22.00 -18.54 19.69
C GLU A 906 22.42 -17.09 19.49
N ILE A 907 23.14 -16.53 20.46
CA ILE A 907 23.56 -15.13 20.36
C ILE A 907 24.60 -14.96 19.25
N LEU A 908 25.51 -15.93 19.10
CA LEU A 908 26.47 -15.87 18.01
C LEU A 908 25.77 -15.91 16.66
N THR A 909 24.72 -16.73 16.54
CA THR A 909 23.93 -16.76 15.32
C THR A 909 23.31 -15.40 15.03
N GLU A 910 22.73 -14.77 16.06
CA GLU A 910 22.16 -13.44 15.88
C GLU A 910 23.23 -12.43 15.42
N ILE A 911 24.40 -12.48 16.05
CA ILE A 911 25.47 -11.52 15.73
C ILE A 911 25.90 -11.68 14.28
N ILE A 912 26.13 -12.92 13.85
CA ILE A 912 26.64 -13.14 12.50
C ILE A 912 25.56 -12.81 11.46
N GLY A 913 24.30 -13.11 11.77
CA GLY A 913 23.23 -12.71 10.87
C GLY A 913 23.14 -11.20 10.70
N ARG A 914 23.24 -10.46 11.81
CA ARG A 914 23.22 -9.01 11.73
C ARG A 914 24.41 -8.47 10.94
N HIS A 915 25.58 -9.06 11.14
CA HIS A 915 26.76 -8.64 10.39
C HIS A 915 26.56 -8.86 8.89
N LEU A 916 26.04 -10.02 8.51
CA LEU A 916 25.78 -10.29 7.11
C LEU A 916 24.77 -9.29 6.54
N LYS A 917 23.71 -9.00 7.30
CA LYS A 917 22.70 -8.07 6.80
C LYS A 917 23.26 -6.67 6.62
N GLU A 918 24.10 -6.21 7.55
CA GLU A 918 24.50 -4.81 7.54
C GLU A 918 25.70 -4.54 6.64
N VAL A 919 26.69 -5.42 6.61
CA VAL A 919 27.96 -5.10 5.95
C VAL A 919 27.94 -5.47 4.48
N ILE A 920 27.51 -6.69 4.15
CA ILE A 920 27.66 -7.19 2.78
C ILE A 920 26.41 -6.93 1.94
N HIS A 921 25.22 -7.08 2.52
CA HIS A 921 23.99 -7.02 1.74
C HIS A 921 23.44 -5.60 1.58
N ASP A 922 24.16 -4.58 2.02
CA ASP A 922 23.69 -3.22 1.82
C ASP A 922 23.70 -2.88 0.34
N PRO A 923 22.70 -2.12 -0.15
CA PRO A 923 22.63 -1.84 -1.58
C PRO A 923 23.75 -0.96 -2.10
N ASP A 924 24.47 -0.26 -1.23
CA ASP A 924 25.54 0.63 -1.69
C ASP A 924 26.65 -0.15 -2.39
N VAL A 925 27.02 -1.31 -1.84
CA VAL A 925 28.09 -2.11 -2.45
C VAL A 925 27.67 -2.60 -3.83
N ILE A 926 26.44 -3.10 -3.95
CA ILE A 926 25.95 -3.59 -5.23
C ILE A 926 25.88 -2.46 -6.25
N ASN A 927 25.40 -1.29 -5.82
CA ASN A 927 25.33 -0.14 -6.72
C ASN A 927 26.72 0.27 -7.18
N ALA A 928 27.69 0.29 -6.26
CA ALA A 928 29.05 0.69 -6.62
C ALA A 928 29.68 -0.30 -7.58
N LEU A 929 29.45 -1.60 -7.37
CA LEU A 929 30.12 -2.62 -8.17
C LEU A 929 29.36 -3.00 -9.44
N LEU A 930 28.14 -2.53 -9.63
CA LEU A 930 27.38 -2.84 -10.84
C LEU A 930 26.96 -1.62 -11.63
N ASP A 931 26.53 -0.56 -10.96
CA ASP A 931 26.08 0.65 -11.65
C ASP A 931 27.29 1.49 -12.04
N ARG A 932 27.50 1.69 -13.33
CA ARG A 932 28.64 2.44 -13.83
C ARG A 932 28.25 3.36 -14.98
N ARG A 933 27.01 3.87 -14.97
CA ARG A 933 26.54 4.72 -16.05
C ARG A 933 27.26 6.07 -16.01
N ASP A 934 27.82 6.47 -17.17
CA ASP A 934 28.44 7.78 -17.35
C ASP A 934 29.52 8.05 -16.29
N LEU A 935 30.45 7.11 -16.17
CA LEU A 935 31.59 7.26 -15.28
C LEU A 935 32.85 6.77 -15.96
N SER A 936 33.96 7.49 -15.73
CA SER A 936 35.23 7.09 -16.30
C SER A 936 35.73 5.80 -15.62
N PRO A 937 36.46 4.96 -16.36
CA PRO A 937 36.91 3.68 -15.77
C PRO A 937 37.77 3.85 -14.52
N GLU A 938 38.63 4.87 -14.48
CA GLU A 938 39.52 5.02 -13.33
C GLU A 938 38.75 5.35 -12.06
N GLU A 939 37.75 6.23 -12.15
CA GLU A 939 36.94 6.55 -10.98
C GLU A 939 36.14 5.34 -10.53
N PHE A 940 35.61 4.56 -11.46
CA PHE A 940 34.87 3.36 -11.10
C PHE A 940 35.77 2.36 -10.39
N ALA A 941 36.98 2.15 -10.90
CA ALA A 941 37.91 1.22 -10.26
C ALA A 941 38.31 1.71 -8.87
N ALA A 942 38.57 3.01 -8.73
CA ALA A 942 38.93 3.56 -7.42
C ALA A 942 37.78 3.40 -6.42
N ARG A 943 36.55 3.66 -6.86
CA ARG A 943 35.40 3.50 -5.98
C ARG A 943 35.22 2.04 -5.56
N ALA A 944 35.38 1.10 -6.51
CA ALA A 944 35.26 -0.31 -6.17
C ALA A 944 36.33 -0.72 -5.16
N ARG A 945 37.57 -0.25 -5.37
CA ARG A 945 38.64 -0.57 -4.43
C ARG A 945 38.35 0.01 -3.05
N ALA A 946 37.79 1.22 -3.00
CA ALA A 946 37.44 1.81 -1.71
C ALA A 946 36.37 0.98 -0.99
N VAL A 947 35.36 0.54 -1.71
CA VAL A 947 34.31 -0.28 -1.09
C VAL A 947 34.89 -1.59 -0.57
N LEU A 948 35.74 -2.24 -1.36
CA LEU A 948 36.32 -3.50 -0.92
C LEU A 948 37.23 -3.30 0.30
N ASP A 949 37.97 -2.20 0.33
CA ASP A 949 38.80 -1.91 1.50
C ASP A 949 37.95 -1.67 2.74
N GLU A 950 36.81 -0.98 2.59
CA GLU A 950 35.91 -0.80 3.72
C GLU A 950 35.38 -2.14 4.23
N ILE A 951 35.03 -3.04 3.31
CA ILE A 951 34.57 -4.37 3.72
C ILE A 951 35.66 -5.09 4.48
N ILE A 952 36.91 -5.02 4.01
CA ILE A 952 38.00 -5.69 4.70
C ILE A 952 38.20 -5.11 6.10
N ALA A 953 38.10 -3.78 6.22
CA ALA A 953 38.25 -3.16 7.54
C ALA A 953 37.17 -3.62 8.50
N GLU A 954 35.91 -3.68 8.03
CA GLU A 954 34.83 -4.14 8.89
C GLU A 954 35.03 -5.60 9.30
N GLU A 955 35.49 -6.43 8.37
CA GLU A 955 35.75 -7.84 8.70
C GLU A 955 36.84 -7.96 9.75
N LYS A 956 37.91 -7.16 9.63
CA LYS A 956 38.98 -7.19 10.62
C LYS A 956 38.47 -6.76 11.99
N LYS A 957 37.62 -5.72 12.03
CA LYS A 957 37.06 -5.29 13.31
C LYS A 957 36.21 -6.37 13.95
N LEU A 958 35.36 -7.05 13.15
CA LEU A 958 34.57 -8.13 13.71
C LEU A 958 35.45 -9.28 14.20
N GLN A 959 36.53 -9.57 13.47
CA GLN A 959 37.46 -10.61 13.92
C GLN A 959 38.05 -10.25 15.27
N GLU A 960 38.47 -9.00 15.44
CA GLU A 960 39.03 -8.59 16.73
C GLU A 960 38.00 -8.72 17.84
N LYS A 961 36.76 -8.27 17.58
CA LYS A 961 35.71 -8.38 18.58
C LYS A 961 35.47 -9.82 19.01
N LEU A 962 35.29 -10.72 18.02
CA LEU A 962 35.00 -12.11 18.34
C LEU A 962 36.18 -12.79 19.03
N LEU A 963 37.40 -12.49 18.61
CA LEU A 963 38.56 -13.09 19.25
C LEU A 963 38.69 -12.63 20.70
N GLU A 964 38.36 -11.37 20.98
CA GLU A 964 38.32 -10.92 22.36
C GLU A 964 37.20 -11.57 23.14
N ALA A 965 36.09 -11.89 22.49
CA ALA A 965 34.92 -12.39 23.20
C ALA A 965 35.15 -13.79 23.78
N VAL A 966 35.86 -14.65 23.06
CA VAL A 966 35.98 -16.06 23.44
C VAL A 966 37.42 -16.40 23.79
N GLU A 967 38.14 -15.44 24.38
CA GLU A 967 39.54 -15.67 24.75
C GLU A 967 39.67 -16.79 25.78
N ASP A 968 38.67 -16.96 26.65
CA ASP A 968 38.71 -18.00 27.67
C ASP A 968 38.68 -19.41 27.09
N ASN A 969 37.86 -19.66 26.08
CA ASN A 969 37.73 -20.98 25.48
C ASN A 969 38.81 -21.18 24.41
N PRO A 970 39.65 -22.20 24.53
CA PRO A 970 40.69 -22.39 23.51
C PRO A 970 40.13 -22.77 22.14
N GLU A 971 39.22 -23.75 22.09
CA GLU A 971 38.74 -24.26 20.82
C GLU A 971 38.10 -23.17 19.96
N ALA A 972 37.32 -22.29 20.60
CA ALA A 972 36.74 -21.17 19.87
C ALA A 972 37.82 -20.26 19.31
N LYS A 973 38.89 -20.05 20.07
CA LYS A 973 40.00 -19.23 19.58
C LYS A 973 40.63 -19.85 18.33
N LYS A 974 40.91 -21.15 18.37
CA LYS A 974 41.49 -21.81 17.20
C LYS A 974 40.53 -21.75 16.01
N ILE A 975 39.24 -21.94 16.25
CA ILE A 975 38.27 -21.92 15.15
C ILE A 975 38.22 -20.54 14.51
N VAL A 976 38.18 -19.48 15.33
CA VAL A 976 38.15 -18.12 14.79
C VAL A 976 39.41 -17.83 14.00
N GLU A 977 40.58 -18.17 14.56
CA GLU A 977 41.84 -17.91 13.88
C GLU A 977 41.97 -18.73 12.60
N GLU A 978 41.31 -19.88 12.52
CA GLU A 978 41.33 -20.66 11.29
C GLU A 978 40.39 -20.08 10.25
N ILE A 979 39.23 -19.57 10.67
CA ILE A 979 38.19 -19.21 9.70
C ILE A 979 38.39 -17.80 9.17
N PHE A 980 38.54 -16.81 10.06
CA PHE A 980 38.50 -15.42 9.60
C PHE A 980 39.57 -15.06 8.56
N PRO A 981 40.82 -15.49 8.67
CA PRO A 981 41.78 -15.24 7.58
C PRO A 981 41.32 -15.79 6.24
N LYS A 982 40.52 -16.86 6.22
CA LYS A 982 39.99 -17.35 4.95
C LYS A 982 39.05 -16.32 4.31
N ILE A 983 38.18 -15.70 5.10
CA ILE A 983 37.31 -14.65 4.55
C ILE A 983 38.14 -13.46 4.08
N ILE A 984 39.14 -13.06 4.86
CA ILE A 984 39.98 -11.94 4.46
C ILE A 984 40.69 -12.25 3.14
N ALA A 985 41.24 -13.46 3.03
CA ALA A 985 41.96 -13.84 1.81
C ALA A 985 41.02 -13.92 0.61
N THR A 986 39.80 -14.43 0.81
CA THR A 986 38.84 -14.49 -0.28
C THR A 986 38.49 -13.10 -0.79
N ILE A 987 38.22 -12.16 0.13
CA ILE A 987 37.88 -10.82 -0.28
C ILE A 987 39.05 -10.15 -0.99
N GLU A 988 40.27 -10.33 -0.47
CA GLU A 988 41.44 -9.75 -1.12
C GLU A 988 41.63 -10.34 -2.52
N ARG A 989 41.47 -11.66 -2.66
CA ARG A 989 41.64 -12.31 -3.95
C ARG A 989 40.61 -11.80 -4.96
N TYR A 990 39.37 -11.58 -4.50
CA TYR A 990 38.38 -10.98 -5.38
C TYR A 990 38.79 -9.56 -5.76
N ARG A 991 39.34 -8.80 -4.81
CA ARG A 991 39.80 -7.45 -5.11
C ARG A 991 41.05 -7.46 -5.98
N GLU A 992 42.06 -8.26 -5.59
CA GLU A 992 43.36 -8.20 -6.26
C GLU A 992 43.31 -8.68 -7.71
N TRP A 993 42.34 -9.50 -8.06
CA TRP A 993 42.24 -9.99 -9.42
C TRP A 993 41.80 -8.84 -10.34
N PRO A 994 42.56 -8.53 -11.38
CA PRO A 994 42.18 -7.42 -12.27
C PRO A 994 40.84 -7.68 -12.94
N GLU A 995 40.06 -6.62 -13.10
CA GLU A 995 38.75 -6.70 -13.73
C GLU A 995 38.81 -6.51 -15.25
N ARG A 996 40.00 -6.66 -15.84
CA ARG A 996 40.13 -6.48 -17.29
C ARG A 996 39.35 -7.53 -18.05
N GLU A 997 39.45 -8.80 -17.64
CA GLU A 997 38.75 -9.87 -18.32
C GLU A 997 37.25 -9.87 -18.02
N LEU A 998 36.86 -9.40 -16.83
CA LEU A 998 35.44 -9.38 -16.46
C LEU A 998 34.68 -8.23 -17.11
N ALA A 999 35.38 -7.29 -17.76
CA ALA A 999 34.70 -6.19 -18.43
C ALA A 999 33.82 -6.69 -19.57
N GLY A 1000 34.32 -7.66 -20.34
CA GLY A 1000 33.56 -8.23 -21.43
C GLY A 1000 33.47 -7.37 -22.67
N LEU A 1001 34.36 -6.40 -22.83
CA LEU A 1001 34.32 -5.54 -24.01
C LEU A 1001 34.76 -6.34 -25.24
N PRO A 1002 33.96 -6.36 -26.30
CA PRO A 1002 34.37 -7.09 -27.51
C PRO A 1002 35.60 -6.45 -28.15
N LEU A 1003 36.41 -7.29 -28.79
CA LEU A 1003 37.62 -6.84 -29.44
C LEU A 1003 37.31 -6.08 -30.73
#